data_4RSE
#
_entry.id   4RSE
#
_cell.length_a   175.639
_cell.length_b   175.639
_cell.length_c   86.611
_cell.angle_alpha   90.00
_cell.angle_beta   90.00
_cell.angle_gamma   120.00
#
_symmetry.space_group_name_H-M   'P 65'
#
loop_
_entity.id
_entity.type
_entity.pdbx_description
1 polymer 'Retinoid isomerohydrolase'
2 non-polymer 'FE (II) ION'
3 non-polymer 'PALMITIC ACID'
4 non-polymer (1R)-3-amino-1-{3-[(2,6,6-trimethylcyclohex-1-en-1-yl)methoxy]phenyl}propan-1-ol
5 water water
#
_entity_poly.entity_id   1
_entity_poly.type   'polypeptide(L)'
_entity_poly.pdbx_seq_one_letter_code
;(ACE)SSQVEHPAGGYKKLFETVEELSSPLTAHVTGRIPLWLTGSLLRCGPGLFEVGSEPFYHLFDGQALLHKFDFKEGH
VTYHRRFIRTDAYVRAMTEKRIVITEFGTCAFPDPCKNIFSRFFSYFRGVEVTDNALVNIYPVGEDYYACTETNFITKVN
PETLETIKQVDLCNYVSVNGATAHPHIENDGTVYNIGNCFGKNFSIAYNIVKIPPLQADKEDPISKSEIVVQFPCSDRFK
PSYVHSFGLTPNYIVFVETPVKINLFKFLSSWSLWGANYMDCFESNETMGVWLHIADKKRKKYINNKYRTSPFNLFHHIN
TYEDHEFLIVDLCCWKGFEFVYNYLYLANLRENWEEVKKNARKAPQPEVRRYVLPLNIDKADTGKNLVTLPNTTATAILC
SDETIWLEPEVLFSGPRQAFEFPQINYQKYGGKPYTYAYGLGLNHFVPDRLCKLNVKTKETWVWQEPDSYPSEPIFVSHP
DALEEDDGVVLSVVVSPGAGQKPAYLLILNAKDLSEVARAEVEINIPVTFHGLFKKS
;
_entity_poly.pdbx_strand_id   A,B
#
# COMPACT_ATOMS: atom_id res chain seq x y z
N SER A 2 15.52 -4.68 1.06
CA SER A 2 16.22 -3.60 0.29
C SER A 2 17.74 -3.88 0.24
N SER A 3 18.41 -3.18 -0.67
CA SER A 3 19.86 -3.18 -0.76
C SER A 3 20.47 -2.23 0.26
N GLN A 4 21.72 -2.49 0.64
CA GLN A 4 22.47 -1.63 1.57
C GLN A 4 23.82 -1.21 0.97
N VAL A 5 23.88 -1.19 -0.37
CA VAL A 5 25.14 -1.12 -1.14
C VAL A 5 25.00 -0.13 -2.31
N GLU A 6 26.00 0.73 -2.49
CA GLU A 6 26.16 1.52 -3.71
C GLU A 6 27.10 0.75 -4.63
N HIS A 7 27.18 1.16 -5.90
CA HIS A 7 27.95 0.46 -6.91
C HIS A 7 28.83 1.44 -7.73
N PRO A 8 29.66 2.26 -7.04
CA PRO A 8 30.49 3.26 -7.73
C PRO A 8 31.51 2.68 -8.72
N ALA A 9 31.99 1.46 -8.47
CA ALA A 9 32.92 0.80 -9.40
C ALA A 9 32.31 0.43 -10.75
N GLY A 10 30.98 0.37 -10.82
CA GLY A 10 30.27 0.13 -12.10
C GLY A 10 30.37 -1.28 -12.67
N GLY A 11 30.62 -2.28 -11.81
CA GLY A 11 30.84 -3.67 -12.24
C GLY A 11 29.67 -4.36 -12.90
N TYR A 12 28.44 -3.90 -12.58
CA TYR A 12 27.23 -4.32 -13.29
C TYR A 12 27.33 -4.24 -14.83
N LYS A 13 28.17 -3.36 -15.37
CA LYS A 13 28.42 -3.32 -16.82
C LYS A 13 28.81 -4.67 -17.41
N LYS A 14 29.51 -5.52 -16.65
CA LYS A 14 29.84 -6.89 -17.09
C LYS A 14 28.64 -7.81 -17.35
N LEU A 15 27.48 -7.47 -16.80
CA LEU A 15 26.22 -8.16 -17.14
C LEU A 15 25.87 -7.99 -18.62
N PHE A 16 26.29 -6.88 -19.26
CA PHE A 16 25.94 -6.56 -20.66
C PHE A 16 27.11 -6.62 -21.65
N GLU A 17 28.09 -7.45 -21.33
CA GLU A 17 29.30 -7.60 -22.14
C GLU A 17 29.26 -8.96 -22.84
N THR A 18 29.47 -8.93 -24.14
CA THR A 18 29.55 -10.14 -24.95
C THR A 18 30.51 -11.23 -24.40
N VAL A 19 30.15 -12.50 -24.60
CA VAL A 19 30.95 -13.66 -24.19
C VAL A 19 31.03 -14.68 -25.32
N GLU A 20 32.03 -15.56 -25.23
CA GLU A 20 32.21 -16.65 -26.18
C GLU A 20 31.56 -17.89 -25.62
N GLU A 21 30.87 -18.68 -26.46
CA GLU A 21 30.41 -19.99 -26.02
C GLU A 21 31.61 -20.90 -25.75
N LEU A 22 31.36 -21.98 -25.03
CA LEU A 22 32.35 -23.02 -24.78
C LEU A 22 32.10 -24.21 -25.72
N SER A 23 33.15 -24.98 -26.03
CA SER A 23 32.97 -26.19 -26.84
C SER A 23 32.66 -27.42 -25.98
N SER A 24 32.99 -27.37 -24.69
CA SER A 24 32.60 -28.42 -23.74
C SER A 24 32.56 -27.86 -22.31
N PRO A 25 31.95 -28.60 -21.36
CA PRO A 25 31.86 -28.17 -19.94
C PRO A 25 33.18 -27.82 -19.26
N LEU A 26 33.16 -26.76 -18.42
CA LEU A 26 34.25 -26.43 -17.50
C LEU A 26 33.97 -26.97 -16.10
N THR A 27 35.03 -27.33 -15.38
CA THR A 27 34.89 -27.68 -13.98
C THR A 27 34.84 -26.41 -13.16
N ALA A 28 33.85 -26.34 -12.27
CA ALA A 28 33.68 -25.19 -11.39
C ALA A 28 34.35 -25.51 -10.05
N HIS A 29 35.17 -24.59 -9.54
CA HIS A 29 35.83 -24.79 -8.25
C HIS A 29 34.83 -24.54 -7.11
N VAL A 30 34.49 -25.62 -6.41
CA VAL A 30 33.55 -25.58 -5.31
C VAL A 30 34.22 -25.18 -4.01
N THR A 31 33.63 -24.22 -3.27
CA THR A 31 33.94 -24.01 -1.85
C THR A 31 32.64 -24.11 -1.04
N GLY A 32 32.74 -24.50 0.23
CA GLY A 32 31.58 -24.97 0.98
C GLY A 32 31.25 -26.36 0.46
N ARG A 33 30.00 -26.80 0.65
CA ARG A 33 29.63 -28.19 0.33
C ARG A 33 28.28 -28.32 -0.43
N ILE A 34 28.36 -28.68 -1.71
CA ILE A 34 27.21 -28.85 -2.57
C ILE A 34 26.39 -29.98 -1.91
N PRO A 35 25.07 -29.76 -1.72
CA PRO A 35 24.28 -30.85 -1.12
C PRO A 35 24.32 -32.09 -1.99
N LEU A 36 24.43 -33.26 -1.38
CA LEU A 36 24.55 -34.50 -2.14
C LEU A 36 23.24 -34.97 -2.78
N TRP A 37 22.12 -34.45 -2.31
CA TRP A 37 20.82 -34.75 -2.92
C TRP A 37 20.52 -33.92 -4.16
N LEU A 38 21.40 -32.96 -4.48
CA LEU A 38 21.21 -32.07 -5.59
C LEU A 38 21.80 -32.71 -6.84
N THR A 39 20.94 -33.34 -7.64
CA THR A 39 21.36 -34.03 -8.86
C THR A 39 20.52 -33.56 -10.04
N GLY A 40 21.18 -32.93 -11.01
CA GLY A 40 20.49 -32.32 -12.14
C GLY A 40 21.15 -31.06 -12.66
N SER A 41 20.41 -30.29 -13.44
CA SER A 41 20.95 -29.21 -14.25
C SER A 41 20.17 -27.92 -14.06
N LEU A 42 20.86 -26.85 -13.68
CA LEU A 42 20.28 -25.53 -13.71
C LEU A 42 20.42 -24.96 -15.12
N LEU A 43 19.30 -24.94 -15.85
CA LEU A 43 19.25 -24.41 -17.20
C LEU A 43 18.75 -22.95 -17.13
N ARG A 44 19.49 -21.99 -17.70
CA ARG A 44 19.07 -20.58 -17.75
C ARG A 44 19.34 -19.92 -19.09
N CYS A 45 18.50 -18.95 -19.43
CA CYS A 45 18.60 -18.21 -20.69
C CYS A 45 18.84 -16.72 -20.45
N GLY A 46 19.55 -16.11 -21.39
CA GLY A 46 19.87 -14.68 -21.37
C GLY A 46 20.56 -14.25 -22.68
N PRO A 47 20.73 -12.94 -22.87
CA PRO A 47 21.55 -12.48 -24.01
C PRO A 47 23.04 -12.75 -23.76
N GLY A 48 23.75 -13.13 -24.82
CA GLY A 48 25.21 -13.36 -24.78
C GLY A 48 26.06 -12.58 -25.77
N LEU A 49 25.45 -12.12 -26.87
CA LEU A 49 26.15 -11.39 -27.90
C LEU A 49 25.42 -10.06 -28.07
N PHE A 50 26.08 -8.95 -27.73
CA PHE A 50 25.44 -7.62 -27.69
C PHE A 50 25.76 -6.75 -28.88
N GLU A 51 26.54 -7.28 -29.83
CA GLU A 51 26.77 -6.62 -31.12
C GLU A 51 27.17 -7.65 -32.14
N VAL A 52 26.76 -7.44 -33.39
CA VAL A 52 27.19 -8.25 -34.53
C VAL A 52 28.24 -7.43 -35.26
N GLY A 53 29.49 -7.72 -34.96
CA GLY A 53 30.62 -6.97 -35.50
C GLY A 53 30.67 -5.54 -34.93
N SER A 54 30.39 -4.58 -35.81
CA SER A 54 30.36 -3.16 -35.45
C SER A 54 28.92 -2.62 -35.31
N GLU A 55 27.89 -3.41 -35.64
CA GLU A 55 26.49 -3.02 -35.44
C GLU A 55 26.00 -3.45 -34.04
N PRO A 56 25.58 -2.48 -33.20
CA PRO A 56 25.19 -2.81 -31.83
C PRO A 56 23.69 -3.11 -31.65
N PHE A 57 23.40 -4.01 -30.73
CA PHE A 57 22.04 -4.13 -30.20
C PHE A 57 21.81 -3.03 -29.16
N TYR A 58 20.66 -2.38 -29.19
CA TYR A 58 20.36 -1.25 -28.28
C TYR A 58 19.69 -1.61 -26.93
N HIS A 59 18.78 -2.60 -26.96
CA HIS A 59 17.94 -2.93 -25.77
C HIS A 59 18.37 -4.19 -25.04
N LEU A 60 18.06 -4.23 -23.74
CA LEU A 60 18.32 -5.39 -22.88
C LEU A 60 17.83 -6.74 -23.44
N PHE A 61 16.75 -6.68 -24.23
CA PHE A 61 16.10 -7.85 -24.77
C PHE A 61 16.43 -8.07 -26.26
N ASP A 62 17.56 -7.51 -26.73
CA ASP A 62 18.02 -7.65 -28.13
C ASP A 62 19.19 -8.62 -28.33
N GLY A 63 20.07 -8.75 -27.35
CA GLY A 63 21.19 -9.69 -27.42
C GLY A 63 20.82 -11.13 -27.72
N GLN A 64 21.66 -11.83 -28.47
CA GLN A 64 21.35 -13.17 -28.95
C GLN A 64 21.38 -14.24 -27.86
N ALA A 65 20.32 -15.03 -27.84
CA ALA A 65 20.10 -16.05 -26.82
C ALA A 65 21.34 -16.93 -26.59
N LEU A 66 21.63 -17.12 -25.30
CA LEU A 66 22.70 -17.97 -24.81
C LEU A 66 22.11 -18.89 -23.75
N LEU A 67 22.22 -20.20 -23.97
CA LEU A 67 21.70 -21.20 -23.07
C LEU A 67 22.82 -21.60 -22.13
N HIS A 68 22.59 -21.52 -20.82
CA HIS A 68 23.58 -21.87 -19.79
C HIS A 68 23.19 -23.16 -19.07
N LYS A 69 24.17 -23.94 -18.63
CA LYS A 69 23.91 -25.12 -17.80
C LYS A 69 24.94 -25.31 -16.71
N PHE A 70 24.48 -25.30 -15.45
CA PHE A 70 25.26 -25.80 -14.31
C PHE A 70 24.77 -27.19 -14.00
N ASP A 71 25.67 -28.18 -14.00
CA ASP A 71 25.35 -29.57 -13.67
C ASP A 71 25.81 -29.90 -12.28
N PHE A 72 25.01 -30.68 -11.56
CA PHE A 72 25.31 -31.07 -10.20
C PHE A 72 25.30 -32.58 -10.11
N LYS A 73 26.38 -33.17 -9.61
CA LYS A 73 26.41 -34.60 -9.31
C LYS A 73 27.45 -34.90 -8.25
N GLU A 74 27.03 -35.57 -7.19
CA GLU A 74 27.91 -36.03 -6.10
C GLU A 74 28.87 -34.96 -5.58
N GLY A 75 28.34 -33.75 -5.40
CA GLY A 75 29.08 -32.64 -4.83
C GLY A 75 29.93 -31.82 -5.81
N HIS A 76 29.95 -32.23 -7.08
CA HIS A 76 30.82 -31.62 -8.11
C HIS A 76 29.95 -30.86 -9.11
N VAL A 77 30.50 -29.82 -9.69
CA VAL A 77 29.73 -28.90 -10.54
C VAL A 77 30.50 -28.61 -11.82
N THR A 78 29.81 -28.71 -12.95
CA THR A 78 30.32 -28.22 -14.23
C THR A 78 29.50 -27.04 -14.72
N TYR A 79 30.08 -26.30 -15.65
CA TYR A 79 29.40 -25.18 -16.29
C TYR A 79 29.63 -25.26 -17.78
N HIS A 80 28.55 -25.11 -18.56
CA HIS A 80 28.62 -25.14 -20.02
C HIS A 80 27.66 -24.10 -20.56
N ARG A 81 27.94 -23.57 -21.74
CA ARG A 81 27.04 -22.64 -22.40
C ARG A 81 27.21 -22.61 -23.93
N ARG A 82 26.09 -22.50 -24.64
CA ARG A 82 26.03 -22.48 -26.11
C ARG A 82 25.02 -21.47 -26.57
N PHE A 83 25.35 -20.70 -27.61
CA PHE A 83 24.37 -19.84 -28.24
C PHE A 83 23.32 -20.73 -28.92
N ILE A 84 22.07 -20.27 -28.92
CA ILE A 84 20.99 -21.03 -29.55
C ILE A 84 20.98 -20.71 -31.04
N ARG A 85 21.07 -21.74 -31.89
CA ARG A 85 21.06 -21.55 -33.35
C ARG A 85 19.66 -21.26 -33.86
N THR A 86 19.21 -20.03 -33.61
CA THR A 86 17.94 -19.50 -34.08
C THR A 86 18.17 -18.94 -35.48
N ASP A 87 17.10 -18.53 -36.18
CA ASP A 87 17.27 -17.81 -37.46
C ASP A 87 18.03 -16.51 -37.26
N ALA A 88 17.66 -15.78 -36.21
CA ALA A 88 18.30 -14.53 -35.89
C ALA A 88 19.81 -14.71 -35.74
N TYR A 89 20.24 -15.71 -34.97
CA TYR A 89 21.67 -15.93 -34.70
C TYR A 89 22.39 -16.47 -35.92
N VAL A 90 21.80 -17.50 -36.53
CA VAL A 90 22.33 -18.15 -37.73
C VAL A 90 22.56 -17.14 -38.85
N ARG A 91 21.51 -16.39 -39.20
CA ARG A 91 21.57 -15.44 -40.31
C ARG A 91 22.48 -14.24 -40.04
N ALA A 92 22.59 -13.84 -38.78
CA ALA A 92 23.58 -12.84 -38.38
C ALA A 92 25.02 -13.34 -38.53
N MET A 93 25.25 -14.62 -38.25
CA MET A 93 26.57 -15.22 -38.45
C MET A 93 26.89 -15.38 -39.94
N THR A 94 25.90 -15.80 -40.73
CA THR A 94 26.02 -15.93 -42.19
C THR A 94 26.34 -14.60 -42.86
N GLU A 95 25.49 -13.59 -42.62
CA GLU A 95 25.58 -12.29 -43.29
C GLU A 95 26.49 -11.27 -42.59
N LYS A 96 27.02 -11.60 -41.42
CA LYS A 96 27.92 -10.70 -40.67
C LYS A 96 27.33 -9.31 -40.38
N ARG A 97 26.02 -9.27 -40.11
CA ARG A 97 25.30 -8.05 -39.74
C ARG A 97 24.03 -8.43 -38.95
N ILE A 98 23.27 -7.45 -38.47
CA ILE A 98 21.97 -7.71 -37.83
C ILE A 98 20.93 -7.91 -38.92
N VAL A 99 20.36 -9.12 -38.99
CA VAL A 99 19.43 -9.47 -40.07
C VAL A 99 17.97 -9.37 -39.66
N ILE A 100 17.64 -9.88 -38.48
CA ILE A 100 16.26 -9.83 -37.97
C ILE A 100 16.14 -8.67 -36.98
N THR A 101 15.03 -7.93 -37.07
CA THR A 101 14.70 -6.87 -36.12
C THR A 101 14.42 -7.49 -34.73
N GLU A 102 15.14 -6.99 -33.74
CA GLU A 102 14.94 -7.39 -32.36
C GLU A 102 14.05 -6.36 -31.63
N PHE A 103 13.70 -6.69 -30.40
CA PHE A 103 12.77 -5.88 -29.60
C PHE A 103 12.95 -4.36 -29.71
N GLY A 104 14.15 -3.89 -29.45
CA GLY A 104 14.49 -2.47 -29.57
C GLY A 104 15.64 -2.20 -30.51
N THR A 105 15.80 -2.99 -31.56
CA THR A 105 16.88 -2.78 -32.52
C THR A 105 16.38 -3.10 -33.91
N CYS A 106 16.23 -2.06 -34.72
CA CYS A 106 15.83 -2.24 -36.11
C CYS A 106 17.00 -2.79 -36.93
N ALA A 107 16.69 -3.76 -37.79
CA ALA A 107 17.66 -4.27 -38.76
C ALA A 107 17.46 -3.55 -40.08
N PHE A 108 18.55 -3.17 -40.74
CA PHE A 108 18.47 -2.47 -42.04
C PHE A 108 18.71 -3.45 -43.20
N PRO A 109 18.06 -3.23 -44.37
CA PRO A 109 18.30 -4.12 -45.51
C PRO A 109 19.63 -3.81 -46.21
N GLU A 127 8.85 -10.07 -40.67
CA GLU A 127 9.77 -11.17 -40.33
C GLU A 127 10.19 -11.29 -38.84
N VAL A 128 9.44 -12.07 -38.06
CA VAL A 128 9.43 -11.99 -36.59
C VAL A 128 10.64 -12.70 -35.96
N THR A 129 11.23 -12.08 -34.92
CA THR A 129 12.35 -12.68 -34.20
C THR A 129 11.95 -13.97 -33.48
N ASP A 130 12.88 -14.90 -33.44
CA ASP A 130 12.79 -16.13 -32.65
C ASP A 130 13.97 -16.18 -31.66
N ASN A 131 14.55 -15.00 -31.36
CA ASN A 131 15.68 -14.90 -30.44
C ASN A 131 15.22 -15.32 -29.04
N ALA A 132 15.42 -16.60 -28.72
CA ALA A 132 14.82 -17.24 -27.53
C ALA A 132 15.63 -17.02 -26.26
N LEU A 133 15.74 -15.77 -25.84
CA LEU A 133 16.67 -15.36 -24.80
C LEU A 133 16.10 -15.30 -23.37
N VAL A 134 14.81 -15.58 -23.19
CA VAL A 134 14.12 -15.26 -21.92
C VAL A 134 13.97 -16.43 -20.94
N ASN A 135 13.50 -17.58 -21.45
CA ASN A 135 13.21 -18.73 -20.58
C ASN A 135 13.31 -20.08 -21.32
N ILE A 136 13.23 -21.15 -20.55
CA ILE A 136 13.20 -22.50 -21.09
C ILE A 136 12.21 -23.34 -20.26
N TYR A 137 11.40 -24.17 -20.93
CA TYR A 137 10.39 -24.97 -20.24
C TYR A 137 10.02 -26.33 -20.90
N PRO A 138 9.56 -27.29 -20.07
CA PRO A 138 9.22 -28.62 -20.59
C PRO A 138 7.84 -28.72 -21.26
N VAL A 139 7.80 -29.35 -22.42
CA VAL A 139 6.56 -29.81 -23.05
C VAL A 139 6.77 -31.27 -23.43
N GLY A 140 5.94 -32.17 -22.91
CA GLY A 140 6.14 -33.61 -23.09
C GLY A 140 7.55 -34.00 -22.60
N GLU A 141 8.30 -34.70 -23.44
CA GLU A 141 9.70 -35.07 -23.13
C GLU A 141 10.72 -34.01 -23.55
N ASP A 142 10.27 -32.91 -24.16
CA ASP A 142 11.15 -31.91 -24.77
C ASP A 142 11.28 -30.66 -23.91
N TYR A 143 12.30 -29.87 -24.23
CA TYR A 143 12.50 -28.55 -23.61
C TYR A 143 12.59 -27.48 -24.68
N TYR A 144 11.97 -26.34 -24.40
CA TYR A 144 11.88 -25.27 -25.37
C TYR A 144 12.38 -23.98 -24.77
N ALA A 145 13.37 -23.35 -25.41
CA ALA A 145 13.72 -21.96 -25.18
C ALA A 145 12.70 -21.07 -25.87
N CYS A 146 12.39 -19.94 -25.24
CA CYS A 146 11.44 -18.99 -25.82
C CYS A 146 11.83 -17.54 -25.58
N THR A 147 11.24 -16.69 -26.42
CA THR A 147 11.11 -15.27 -26.10
C THR A 147 9.61 -15.11 -25.81
N GLU A 148 8.95 -14.12 -26.39
CA GLU A 148 7.51 -13.93 -26.22
C GLU A 148 6.78 -13.90 -27.56
N THR A 149 7.42 -14.43 -28.60
CA THR A 149 6.85 -14.41 -29.95
C THR A 149 6.14 -15.74 -30.25
N ASN A 150 5.66 -15.86 -31.48
CA ASN A 150 5.07 -17.11 -31.99
C ASN A 150 6.08 -18.23 -32.25
N PHE A 151 7.38 -17.92 -32.22
CA PHE A 151 8.45 -18.90 -32.47
C PHE A 151 9.12 -19.40 -31.20
N ILE A 152 9.02 -20.69 -30.90
CA ILE A 152 9.81 -21.29 -29.80
C ILE A 152 10.83 -22.28 -30.36
N THR A 153 11.91 -22.48 -29.62
CA THR A 153 13.04 -23.24 -30.10
C THR A 153 13.30 -24.43 -29.21
N LYS A 154 13.04 -25.63 -29.74
CA LYS A 154 13.38 -26.88 -29.09
C LYS A 154 14.90 -26.99 -28.92
N VAL A 155 15.34 -27.38 -27.73
CA VAL A 155 16.76 -27.51 -27.41
C VAL A 155 17.02 -28.80 -26.69
N ASN A 156 18.28 -29.24 -26.74
CA ASN A 156 18.72 -30.46 -26.08
C ASN A 156 19.30 -30.09 -24.71
N PRO A 157 18.67 -30.55 -23.61
CA PRO A 157 19.12 -30.14 -22.27
C PRO A 157 20.46 -30.70 -21.78
N GLU A 158 20.95 -31.78 -22.39
CA GLU A 158 22.25 -32.35 -21.99
C GLU A 158 23.40 -31.70 -22.75
N THR A 159 23.24 -31.54 -24.07
CA THR A 159 24.31 -31.02 -24.94
C THR A 159 24.21 -29.51 -25.19
N LEU A 160 23.01 -28.95 -24.99
CA LEU A 160 22.67 -27.57 -25.33
C LEU A 160 22.59 -27.30 -26.83
N GLU A 161 22.43 -28.35 -27.62
CA GLU A 161 22.27 -28.17 -29.07
C GLU A 161 20.85 -27.73 -29.41
N THR A 162 20.76 -26.91 -30.43
CA THR A 162 19.50 -26.43 -30.97
C THR A 162 18.96 -27.52 -31.87
N ILE A 163 17.72 -27.95 -31.66
CA ILE A 163 17.12 -29.05 -32.38
C ILE A 163 16.29 -28.47 -33.52
N LYS A 164 15.31 -27.63 -33.20
CA LYS A 164 14.48 -27.03 -34.23
C LYS A 164 13.75 -25.77 -33.77
N GLN A 165 13.17 -25.10 -34.76
CA GLN A 165 12.27 -23.97 -34.55
C GLN A 165 10.85 -24.51 -34.64
N VAL A 166 9.96 -24.01 -33.78
CA VAL A 166 8.54 -24.35 -33.79
C VAL A 166 7.73 -23.07 -33.89
N ASP A 167 6.80 -23.04 -34.82
CA ASP A 167 5.92 -21.90 -35.05
C ASP A 167 4.56 -22.25 -34.44
N LEU A 168 4.19 -21.54 -33.38
CA LEU A 168 2.93 -21.80 -32.66
C LEU A 168 1.70 -21.46 -33.51
N CYS A 169 1.87 -20.57 -34.48
CA CYS A 169 0.82 -20.26 -35.45
C CYS A 169 0.39 -21.44 -36.29
N ASN A 170 1.31 -22.37 -36.56
CA ASN A 170 0.96 -23.63 -37.22
C ASN A 170 -0.15 -24.37 -36.48
N TYR A 171 -0.12 -24.31 -35.15
CA TYR A 171 -0.95 -25.17 -34.29
C TYR A 171 -2.16 -24.52 -33.63
N VAL A 172 -2.08 -23.23 -33.28
CA VAL A 172 -3.18 -22.52 -32.60
C VAL A 172 -3.16 -21.06 -32.97
N SER A 173 -4.29 -20.41 -32.76
CA SER A 173 -4.51 -19.05 -33.23
C SER A 173 -4.03 -18.06 -32.18
N VAL A 174 -2.73 -17.78 -32.20
CA VAL A 174 -2.12 -16.74 -31.37
C VAL A 174 -1.01 -16.05 -32.14
N ASN A 175 -0.80 -14.76 -31.85
CA ASN A 175 0.33 -13.99 -32.42
C ASN A 175 1.62 -14.13 -31.61
N GLY A 176 1.49 -14.57 -30.37
CA GLY A 176 2.66 -14.83 -29.55
C GLY A 176 2.21 -15.60 -28.32
N ALA A 177 3.17 -15.98 -27.49
CA ALA A 177 2.86 -16.56 -26.19
C ALA A 177 3.93 -16.07 -25.20
N THR A 178 3.58 -15.98 -23.93
CA THR A 178 4.50 -15.43 -22.93
C THR A 178 5.62 -16.43 -22.66
N ALA A 179 6.65 -15.97 -21.97
CA ALA A 179 7.72 -16.85 -21.53
C ALA A 179 7.42 -17.48 -20.15
N HIS A 180 6.16 -17.40 -19.71
CA HIS A 180 5.77 -17.89 -18.41
C HIS A 180 4.54 -18.77 -18.52
N PRO A 181 4.67 -19.90 -19.23
CA PRO A 181 3.56 -20.85 -19.18
C PRO A 181 3.53 -21.45 -17.80
N HIS A 182 2.32 -21.79 -17.34
CA HIS A 182 2.14 -22.59 -16.14
C HIS A 182 2.15 -24.07 -16.55
N ILE A 183 2.78 -24.89 -15.71
CA ILE A 183 2.93 -26.31 -15.93
C ILE A 183 2.31 -27.01 -14.71
N GLU A 184 1.23 -27.74 -14.94
CA GLU A 184 0.61 -28.59 -13.91
C GLU A 184 1.45 -29.87 -13.63
N ASN A 185 1.21 -30.50 -12.48
CA ASN A 185 2.06 -31.63 -12.03
C ASN A 185 2.05 -32.86 -12.98
N ASP A 186 1.01 -33.00 -13.81
CA ASP A 186 0.96 -34.05 -14.84
C ASP A 186 1.58 -33.67 -16.21
N GLY A 187 2.22 -32.50 -16.32
CA GLY A 187 2.84 -32.05 -17.56
C GLY A 187 2.01 -31.13 -18.43
N THR A 188 0.70 -30.99 -18.15
CA THR A 188 -0.17 -30.08 -18.91
C THR A 188 0.44 -28.67 -18.88
N VAL A 189 0.42 -27.98 -20.01
CA VAL A 189 0.99 -26.64 -20.12
C VAL A 189 -0.10 -25.65 -20.52
N TYR A 190 -0.19 -24.55 -19.77
CA TYR A 190 -1.10 -23.46 -20.08
C TYR A 190 -0.27 -22.23 -20.39
N ASN A 191 -0.71 -21.43 -21.33
CA ASN A 191 -0.04 -20.19 -21.63
C ASN A 191 -1.07 -19.21 -22.13
N ILE A 192 -0.68 -17.95 -22.27
CA ILE A 192 -1.59 -16.91 -22.77
C ILE A 192 -0.90 -16.14 -23.89
N GLY A 193 -1.69 -15.67 -24.85
CA GLY A 193 -1.18 -14.89 -25.98
C GLY A 193 -2.16 -13.89 -26.52
N ASN A 194 -1.62 -12.84 -27.14
CA ASN A 194 -2.41 -11.92 -27.93
C ASN A 194 -2.97 -12.66 -29.17
N CYS A 195 -4.13 -12.22 -29.64
CA CYS A 195 -4.70 -12.70 -30.90
C CYS A 195 -5.41 -11.57 -31.64
N PHE A 196 -4.87 -11.17 -32.80
CA PHE A 196 -5.35 -10.00 -33.57
C PHE A 196 -6.46 -10.32 -34.57
N ILE A 202 -10.15 -9.66 -31.84
CA ILE A 202 -9.11 -9.16 -30.93
C ILE A 202 -9.37 -9.72 -29.52
N ALA A 203 -8.47 -10.56 -29.04
CA ALA A 203 -8.65 -11.23 -27.76
C ALA A 203 -7.33 -11.61 -27.12
N TYR A 204 -7.40 -12.21 -25.94
CA TYR A 204 -6.28 -12.91 -25.32
C TYR A 204 -6.69 -14.37 -25.20
N ASN A 205 -5.94 -15.25 -25.87
CA ASN A 205 -6.26 -16.66 -25.89
C ASN A 205 -5.43 -17.45 -24.86
N ILE A 206 -6.09 -18.35 -24.15
CA ILE A 206 -5.39 -19.32 -23.33
C ILE A 206 -5.18 -20.59 -24.16
N VAL A 207 -3.92 -20.96 -24.32
CA VAL A 207 -3.53 -22.19 -25.01
C VAL A 207 -3.25 -23.28 -23.98
N LYS A 208 -3.82 -24.47 -24.21
CA LYS A 208 -3.53 -25.66 -23.40
C LYS A 208 -2.83 -26.71 -24.25
N ILE A 209 -1.62 -27.08 -23.84
CA ILE A 209 -0.88 -28.17 -24.44
C ILE A 209 -1.04 -29.38 -23.52
N PRO A 210 -1.63 -30.49 -24.01
CA PRO A 210 -1.83 -31.64 -23.15
C PRO A 210 -0.52 -32.34 -22.85
N PRO A 211 -0.50 -33.24 -21.83
CA PRO A 211 0.70 -34.02 -21.56
C PRO A 211 0.97 -35.05 -22.64
N LEU A 212 2.18 -35.61 -22.62
CA LEU A 212 2.53 -36.70 -23.53
C LEU A 212 1.66 -37.91 -23.20
N GLN A 213 0.97 -38.41 -24.21
CA GLN A 213 0.07 -39.56 -24.04
C GLN A 213 0.75 -40.84 -24.51
N ALA A 214 0.03 -41.95 -24.39
CA ALA A 214 0.56 -43.26 -24.80
C ALA A 214 0.93 -43.36 -26.28
N ASP A 215 0.21 -42.64 -27.16
CA ASP A 215 0.56 -42.57 -28.59
C ASP A 215 1.91 -41.90 -28.91
N LYS A 216 2.49 -41.18 -27.94
CA LYS A 216 3.86 -40.63 -28.01
C LYS A 216 4.10 -39.58 -29.10
N GLU A 217 3.03 -39.09 -29.73
CA GLU A 217 3.12 -37.99 -30.69
C GLU A 217 3.33 -36.67 -29.94
N ASP A 218 3.92 -35.70 -30.61
CA ASP A 218 4.33 -34.44 -29.97
C ASP A 218 3.10 -33.64 -29.50
N PRO A 219 3.00 -33.35 -28.17
CA PRO A 219 1.80 -32.69 -27.63
C PRO A 219 1.45 -31.33 -28.24
N ILE A 220 2.40 -30.63 -28.86
CA ILE A 220 2.10 -29.34 -29.51
C ILE A 220 1.10 -29.50 -30.66
N SER A 221 1.11 -30.65 -31.33
CA SER A 221 0.08 -30.92 -32.36
C SER A 221 -1.33 -31.06 -31.77
N LYS A 222 -1.44 -31.39 -30.48
CA LYS A 222 -2.74 -31.41 -29.79
C LYS A 222 -3.08 -30.12 -29.00
N SER A 223 -2.38 -29.02 -29.32
CA SER A 223 -2.66 -27.72 -28.70
C SER A 223 -4.04 -27.21 -29.07
N GLU A 224 -4.63 -26.41 -28.19
CA GLU A 224 -5.96 -25.85 -28.42
C GLU A 224 -6.19 -24.61 -27.58
N ILE A 225 -7.05 -23.73 -28.07
CA ILE A 225 -7.50 -22.57 -27.32
C ILE A 225 -8.64 -23.04 -26.45
N VAL A 226 -8.49 -22.93 -25.14
CA VAL A 226 -9.55 -23.33 -24.19
C VAL A 226 -10.47 -22.19 -23.79
N VAL A 227 -9.91 -20.99 -23.55
CA VAL A 227 -10.71 -19.84 -23.13
C VAL A 227 -10.14 -18.53 -23.67
N GLN A 228 -11.01 -17.54 -23.74
CA GLN A 228 -10.74 -16.27 -24.33
C GLN A 228 -11.09 -15.15 -23.32
N PHE A 229 -10.17 -14.20 -23.18
CA PHE A 229 -10.42 -12.98 -22.44
C PHE A 229 -10.65 -11.84 -23.43
N PRO A 230 -11.58 -10.93 -23.12
CA PRO A 230 -11.83 -9.79 -24.02
C PRO A 230 -10.79 -8.68 -23.85
N CYS A 231 -10.75 -7.76 -24.82
N CYS A 231 -10.74 -7.77 -24.81
CA CYS A 231 -9.84 -6.63 -24.78
CA CYS A 231 -9.81 -6.65 -24.82
C CYS A 231 -10.59 -5.38 -24.37
C CYS A 231 -10.55 -5.35 -24.45
N SER A 232 -9.90 -4.47 -23.69
CA SER A 232 -10.47 -3.18 -23.26
C SER A 232 -10.58 -2.15 -24.41
N ASP A 233 -9.79 -2.34 -25.45
CA ASP A 233 -9.77 -1.47 -26.62
C ASP A 233 -9.76 -2.40 -27.82
N ARG A 234 -10.55 -2.11 -28.86
CA ARG A 234 -10.55 -2.95 -30.07
C ARG A 234 -9.19 -2.94 -30.78
N PHE A 235 -8.61 -1.76 -30.90
CA PHE A 235 -7.41 -1.56 -31.71
C PHE A 235 -6.09 -1.53 -30.91
N LYS A 236 -6.16 -1.67 -29.59
CA LYS A 236 -4.95 -1.63 -28.74
C LYS A 236 -5.01 -2.69 -27.63
N PRO A 237 -4.43 -3.88 -27.88
CA PRO A 237 -4.31 -4.88 -26.81
C PRO A 237 -3.17 -4.58 -25.86
N SER A 238 -3.29 -5.09 -24.63
CA SER A 238 -2.30 -4.84 -23.59
C SER A 238 -1.16 -5.82 -23.71
N TYR A 239 0.04 -5.32 -23.44
CA TYR A 239 1.21 -6.16 -23.29
C TYR A 239 0.95 -7.10 -22.13
N VAL A 240 1.20 -8.39 -22.35
CA VAL A 240 0.97 -9.38 -21.32
C VAL A 240 2.20 -10.27 -21.22
N HIS A 241 2.71 -10.38 -20.00
CA HIS A 241 3.96 -11.03 -19.72
C HIS A 241 3.83 -12.33 -18.94
N SER A 242 2.79 -12.46 -18.14
CA SER A 242 2.54 -13.66 -17.35
C SER A 242 1.07 -13.68 -16.97
N PHE A 243 0.67 -14.72 -16.24
CA PHE A 243 -0.71 -14.82 -15.79
C PHE A 243 -0.77 -15.77 -14.61
N GLY A 244 -1.96 -15.90 -14.03
CA GLY A 244 -2.16 -16.71 -12.82
C GLY A 244 -3.02 -17.94 -13.05
N LEU A 245 -2.72 -19.00 -12.31
CA LEU A 245 -3.44 -20.26 -12.44
C LEU A 245 -3.66 -20.87 -11.07
N THR A 246 -4.88 -21.35 -10.83
CA THR A 246 -5.21 -22.13 -9.64
C THR A 246 -5.82 -23.43 -10.15
N PRO A 247 -6.16 -24.38 -9.26
CA PRO A 247 -6.84 -25.58 -9.76
C PRO A 247 -8.12 -25.29 -10.56
N ASN A 248 -8.87 -24.26 -10.15
CA ASN A 248 -10.15 -23.93 -10.77
C ASN A 248 -10.20 -22.66 -11.58
N TYR A 249 -9.20 -21.81 -11.50
CA TYR A 249 -9.29 -20.48 -12.13
C TYR A 249 -8.06 -20.05 -12.89
N ILE A 250 -8.29 -19.16 -13.84
CA ILE A 250 -7.27 -18.47 -14.60
C ILE A 250 -7.44 -17.00 -14.32
N VAL A 251 -6.36 -16.32 -13.94
CA VAL A 251 -6.39 -14.90 -13.67
C VAL A 251 -5.51 -14.17 -14.65
N PHE A 252 -6.06 -13.11 -15.22
CA PHE A 252 -5.36 -12.30 -16.21
C PHE A 252 -5.49 -10.82 -15.85
N VAL A 253 -4.34 -10.14 -15.78
CA VAL A 253 -4.27 -8.71 -15.47
C VAL A 253 -4.00 -7.90 -16.74
N GLU A 254 -4.96 -7.09 -17.14
CA GLU A 254 -4.87 -6.25 -18.33
C GLU A 254 -4.38 -4.88 -17.88
N THR A 255 -3.14 -4.54 -18.24
CA THR A 255 -2.46 -3.33 -17.79
C THR A 255 -2.67 -2.19 -18.76
N PRO A 256 -2.37 -0.93 -18.35
CA PRO A 256 -2.49 0.16 -19.30
C PRO A 256 -1.34 0.30 -20.33
N VAL A 257 -0.34 -0.58 -20.30
CA VAL A 257 0.69 -0.65 -21.35
C VAL A 257 0.16 -1.35 -22.62
N LYS A 258 -0.11 -0.56 -23.65
CA LYS A 258 -0.80 -1.04 -24.84
C LYS A 258 0.15 -1.20 -26.03
N ILE A 259 -0.23 -2.11 -26.93
CA ILE A 259 0.46 -2.28 -28.21
C ILE A 259 -0.37 -1.56 -29.26
N ASN A 260 0.25 -0.61 -29.94
CA ASN A 260 -0.43 0.19 -30.97
C ASN A 260 -0.36 -0.53 -32.31
N LEU A 261 -1.47 -1.15 -32.68
CA LEU A 261 -1.55 -1.99 -33.87
C LEU A 261 -1.47 -1.21 -35.18
N PHE A 262 -1.82 0.08 -35.17
CA PHE A 262 -1.66 0.90 -36.37
C PHE A 262 -0.17 1.09 -36.71
N LYS A 263 0.66 1.37 -35.70
CA LYS A 263 2.12 1.37 -35.89
C LYS A 263 2.69 -0.05 -36.11
N PHE A 264 2.12 -1.04 -35.39
CA PHE A 264 2.65 -2.43 -35.34
C PHE A 264 2.61 -3.13 -36.71
N LEU A 265 1.46 -3.06 -37.37
CA LEU A 265 1.21 -3.78 -38.63
C LEU A 265 1.57 -3.00 -39.91
N SER A 266 2.00 -1.73 -39.79
CA SER A 266 2.49 -0.95 -40.93
C SER A 266 3.85 -1.46 -41.43
N SER A 267 4.33 -0.95 -42.56
CA SER A 267 5.64 -1.34 -43.10
C SER A 267 6.76 -0.84 -42.16
N TRP A 268 7.47 -1.80 -41.56
CA TRP A 268 8.49 -1.51 -40.54
C TRP A 268 9.84 -1.04 -41.12
N SER A 269 10.23 -1.57 -42.28
CA SER A 269 11.41 -1.06 -42.99
C SER A 269 11.14 0.30 -43.71
N LEU A 270 9.87 0.70 -43.86
CA LEU A 270 9.51 2.03 -44.41
C LEU A 270 9.93 3.16 -43.48
N TRP A 271 9.33 3.21 -42.29
CA TRP A 271 9.62 4.27 -41.30
C TRP A 271 10.59 3.80 -40.18
N GLY A 272 11.20 2.62 -40.37
CA GLY A 272 12.34 2.17 -39.56
C GLY A 272 12.01 1.72 -38.15
N ALA A 273 10.95 0.93 -38.01
CA ALA A 273 10.38 0.60 -36.69
C ALA A 273 10.89 -0.72 -36.07
N ASN A 274 10.87 -0.74 -34.74
CA ASN A 274 11.05 -1.96 -33.95
C ASN A 274 9.83 -2.18 -33.03
N TYR A 275 9.88 -3.19 -32.17
CA TYR A 275 8.71 -3.55 -31.33
C TYR A 275 8.45 -2.49 -30.28
N MET A 276 9.53 -2.07 -29.63
CA MET A 276 9.55 -0.99 -28.65
C MET A 276 8.84 0.30 -29.12
N ASP A 277 8.98 0.63 -30.41
CA ASP A 277 8.30 1.81 -30.99
C ASP A 277 6.77 1.72 -31.01
N CYS A 278 6.20 0.54 -30.78
CA CYS A 278 4.76 0.35 -30.93
C CYS A 278 4.02 0.36 -29.61
N PHE A 279 4.71 0.59 -28.49
CA PHE A 279 4.06 0.60 -27.17
C PHE A 279 3.61 2.00 -26.80
N GLU A 280 2.40 2.10 -26.27
CA GLU A 280 1.94 3.35 -25.67
C GLU A 280 1.18 3.04 -24.40
N SER A 281 0.91 4.09 -23.61
CA SER A 281 0.27 3.96 -22.31
C SER A 281 -1.10 4.62 -22.33
N ASN A 282 -2.14 3.85 -22.02
CA ASN A 282 -3.46 4.41 -21.77
C ASN A 282 -3.44 5.04 -20.39
N GLU A 283 -3.68 6.36 -20.35
CA GLU A 283 -3.64 7.12 -19.09
C GLU A 283 -4.91 7.00 -18.22
N THR A 284 -6.04 6.64 -18.82
CA THR A 284 -7.32 6.69 -18.12
C THR A 284 -7.84 5.34 -17.61
N MET A 285 -7.45 4.22 -18.24
CA MET A 285 -8.09 2.90 -17.91
C MET A 285 -7.70 2.27 -16.58
N GLY A 286 -6.50 2.57 -16.07
CA GLY A 286 -5.97 1.92 -14.89
C GLY A 286 -5.67 0.47 -15.20
N VAL A 287 -6.02 -0.42 -14.28
CA VAL A 287 -5.86 -1.87 -14.48
C VAL A 287 -7.21 -2.59 -14.38
N TRP A 288 -7.39 -3.54 -15.29
CA TRP A 288 -8.58 -4.36 -15.36
C TRP A 288 -8.13 -5.79 -15.08
N LEU A 289 -8.72 -6.44 -14.09
CA LEU A 289 -8.39 -7.83 -13.77
C LEU A 289 -9.53 -8.74 -14.21
N HIS A 290 -9.14 -9.89 -14.77
CA HIS A 290 -10.05 -10.82 -15.42
C HIS A 290 -9.87 -12.22 -14.85
N ILE A 291 -10.98 -12.91 -14.61
CA ILE A 291 -10.94 -14.35 -14.23
C ILE A 291 -11.74 -15.18 -15.21
N ALA A 292 -11.28 -16.42 -15.42
CA ALA A 292 -12.02 -17.42 -16.17
C ALA A 292 -12.09 -18.69 -15.34
N ASP A 293 -13.17 -19.45 -15.56
CA ASP A 293 -13.36 -20.76 -14.98
C ASP A 293 -12.55 -21.75 -15.83
N LYS A 294 -11.61 -22.44 -15.19
CA LYS A 294 -10.66 -23.27 -15.90
C LYS A 294 -11.32 -24.56 -16.39
N LYS A 295 -12.02 -25.24 -15.48
CA LYS A 295 -12.59 -26.57 -15.77
C LYS A 295 -13.82 -26.50 -16.68
N ARG A 296 -14.59 -25.42 -16.54
CA ARG A 296 -15.73 -25.14 -17.42
C ARG A 296 -15.34 -24.33 -18.64
N LYS A 297 -14.08 -23.88 -18.69
CA LYS A 297 -13.50 -23.17 -19.85
C LYS A 297 -14.37 -21.98 -20.22
N LYS A 298 -14.53 -21.05 -19.29
CA LYS A 298 -15.53 -19.99 -19.42
C LYS A 298 -15.08 -18.68 -18.77
N TYR A 299 -15.16 -17.60 -19.54
CA TYR A 299 -14.89 -16.25 -19.04
C TYR A 299 -16.00 -15.80 -18.09
N ILE A 300 -15.61 -15.40 -16.89
CA ILE A 300 -16.52 -14.92 -15.86
C ILE A 300 -16.55 -13.41 -15.97
N ASN A 301 -17.74 -12.82 -15.94
CA ASN A 301 -17.91 -11.41 -16.29
C ASN A 301 -17.95 -10.51 -15.05
N ASN A 302 -16.84 -10.48 -14.34
CA ASN A 302 -16.66 -9.64 -13.15
C ASN A 302 -15.72 -8.49 -13.51
N LYS A 303 -16.20 -7.27 -13.40
CA LYS A 303 -15.46 -6.09 -13.85
C LYS A 303 -14.57 -5.58 -12.71
N TYR A 304 -13.47 -6.30 -12.45
CA TYR A 304 -12.50 -5.90 -11.45
C TYR A 304 -11.63 -4.76 -12.00
N ARG A 305 -11.42 -3.75 -11.16
CA ARG A 305 -10.71 -2.53 -11.57
C ARG A 305 -9.78 -2.06 -10.45
N THR A 306 -8.66 -1.47 -10.82
CA THR A 306 -7.83 -0.76 -9.86
C THR A 306 -6.90 0.25 -10.52
N SER A 307 -6.11 0.93 -9.71
CA SER A 307 -5.28 2.03 -10.20
C SER A 307 -4.10 1.51 -11.08
N PRO A 308 -3.46 2.39 -11.85
CA PRO A 308 -2.51 1.92 -12.88
C PRO A 308 -1.19 1.31 -12.37
N PHE A 309 -0.76 0.23 -13.01
CA PHE A 309 0.58 -0.30 -12.82
C PHE A 309 1.06 -1.14 -14.02
N ASN A 310 2.37 -1.25 -14.15
CA ASN A 310 2.98 -2.25 -15.01
C ASN A 310 2.98 -3.56 -14.21
N LEU A 311 2.83 -4.68 -14.91
CA LEU A 311 2.97 -5.99 -14.30
C LEU A 311 3.77 -6.88 -15.24
N PHE A 312 4.79 -7.52 -14.70
CA PHE A 312 5.50 -8.52 -15.45
C PHE A 312 5.23 -9.87 -14.84
N HIS A 313 5.54 -10.03 -13.55
CA HIS A 313 5.44 -11.33 -12.91
C HIS A 313 4.37 -11.43 -11.86
N HIS A 314 3.50 -12.42 -12.03
CA HIS A 314 2.72 -12.95 -10.92
C HIS A 314 3.67 -13.75 -10.05
N ILE A 315 3.46 -13.71 -8.76
CA ILE A 315 4.23 -14.53 -7.80
C ILE A 315 3.50 -15.85 -7.66
N ASN A 316 2.26 -15.77 -7.20
CA ASN A 316 1.40 -16.93 -7.03
C ASN A 316 -0.04 -16.49 -6.88
N THR A 317 -0.95 -17.38 -7.25
CA THR A 317 -2.36 -17.16 -7.12
C THR A 317 -2.90 -18.36 -6.33
N TYR A 318 -3.93 -18.16 -5.52
CA TYR A 318 -4.65 -19.29 -4.91
C TYR A 318 -6.04 -18.92 -4.44
N GLU A 319 -6.83 -19.96 -4.13
CA GLU A 319 -8.24 -19.85 -3.77
C GLU A 319 -8.36 -20.00 -2.27
N ASP A 320 -9.08 -19.09 -1.62
CA ASP A 320 -9.31 -19.15 -0.18
C ASP A 320 -10.76 -18.82 0.08
N HIS A 321 -11.53 -19.81 0.51
CA HIS A 321 -12.99 -19.71 0.59
C HIS A 321 -13.49 -19.16 -0.75
N GLU A 322 -14.36 -18.15 -0.79
CA GLU A 322 -14.87 -17.71 -2.11
C GLU A 322 -14.08 -16.52 -2.68
N PHE A 323 -12.75 -16.58 -2.55
CA PHE A 323 -11.85 -15.45 -2.88
C PHE A 323 -10.61 -15.96 -3.55
N LEU A 324 -10.17 -15.24 -4.58
CA LEU A 324 -8.87 -15.48 -5.21
C LEU A 324 -7.84 -14.48 -4.69
N ILE A 325 -6.73 -15.01 -4.17
CA ILE A 325 -5.60 -14.23 -3.67
C ILE A 325 -4.63 -14.13 -4.82
N VAL A 326 -4.25 -12.92 -5.20
CA VAL A 326 -3.47 -12.65 -6.39
C VAL A 326 -2.23 -11.84 -5.99
N ASP A 327 -1.10 -12.53 -5.83
CA ASP A 327 0.16 -11.89 -5.44
C ASP A 327 0.96 -11.47 -6.68
N LEU A 328 1.39 -10.21 -6.71
CA LEU A 328 1.98 -9.58 -7.91
C LEU A 328 3.21 -8.76 -7.57
N CYS A 329 4.17 -8.75 -8.48
CA CYS A 329 5.24 -7.76 -8.46
C CYS A 329 4.77 -6.64 -9.37
N CYS A 330 4.45 -5.48 -8.76
CA CYS A 330 3.93 -4.32 -9.49
C CYS A 330 4.98 -3.22 -9.67
N TRP A 331 4.70 -2.35 -10.66
CA TRP A 331 5.44 -1.14 -10.88
C TRP A 331 4.39 -0.04 -10.95
N LYS A 332 4.43 0.90 -9.99
CA LYS A 332 3.39 1.93 -9.82
C LYS A 332 3.54 3.01 -10.87
N GLY A 333 2.56 3.06 -11.76
CA GLY A 333 2.50 4.03 -12.85
C GLY A 333 2.05 3.41 -14.14
N PHE A 334 1.89 4.23 -15.18
CA PHE A 334 1.49 3.67 -16.48
C PHE A 334 2.59 3.71 -17.55
N GLU A 335 3.69 4.43 -17.30
CA GLU A 335 4.84 4.42 -18.22
C GLU A 335 5.44 3.02 -18.27
N PHE A 336 5.86 2.62 -19.48
CA PHE A 336 6.41 1.28 -19.69
C PHE A 336 7.81 1.17 -19.10
N VAL A 337 7.98 0.30 -18.10
CA VAL A 337 9.28 0.13 -17.42
C VAL A 337 10.41 -0.26 -18.38
N TYR A 338 10.06 -0.98 -19.47
CA TYR A 338 11.00 -1.34 -20.54
C TYR A 338 11.74 -0.13 -21.15
N ASN A 339 11.10 1.05 -21.16
CA ASN A 339 11.78 2.31 -21.53
C ASN A 339 13.07 2.63 -20.76
N TYR A 340 13.27 2.05 -19.57
CA TYR A 340 14.45 2.30 -18.76
C TYR A 340 15.52 1.23 -18.92
N LEU A 341 15.31 0.26 -19.84
CA LEU A 341 16.21 -0.87 -20.02
C LEU A 341 16.95 -0.90 -21.39
N TYR A 342 17.24 0.27 -21.96
CA TYR A 342 18.18 0.37 -23.08
C TYR A 342 19.58 0.17 -22.53
N LEU A 343 20.42 -0.56 -23.27
CA LEU A 343 21.76 -0.91 -22.80
C LEU A 343 22.62 0.30 -22.48
N ALA A 344 22.51 1.37 -23.27
CA ALA A 344 23.21 2.64 -22.99
C ALA A 344 22.94 3.20 -21.58
N ASN A 345 21.70 3.08 -21.11
CA ASN A 345 21.33 3.49 -19.74
C ASN A 345 21.81 2.56 -18.63
N LEU A 346 21.68 1.25 -18.85
CA LEU A 346 22.17 0.24 -17.90
C LEU A 346 23.73 0.16 -17.86
N ARG A 347 24.40 0.68 -18.89
CA ARG A 347 25.86 0.79 -18.93
C ARG A 347 26.44 2.09 -18.39
N GLU A 348 25.57 3.04 -18.00
CA GLU A 348 26.00 4.28 -17.34
C GLU A 348 26.74 4.04 -16.03
N ASN A 349 27.40 5.08 -15.54
CA ASN A 349 27.99 5.07 -14.21
C ASN A 349 26.91 5.25 -13.15
N TRP A 350 27.18 4.76 -11.95
CA TRP A 350 26.20 4.55 -10.88
C TRP A 350 25.34 5.77 -10.50
N GLU A 351 25.97 6.93 -10.34
CA GLU A 351 25.25 8.18 -10.06
C GLU A 351 24.25 8.57 -11.15
N GLU A 352 24.58 8.23 -12.40
N GLU A 352 24.58 8.23 -12.40
CA GLU A 352 23.72 8.49 -13.55
CA GLU A 352 23.70 8.48 -13.55
C GLU A 352 22.61 7.43 -13.69
C GLU A 352 22.59 7.43 -13.67
N VAL A 353 22.90 6.19 -13.31
CA VAL A 353 21.88 5.11 -13.23
C VAL A 353 20.80 5.48 -12.21
N LYS A 354 21.23 5.85 -11.01
CA LYS A 354 20.31 6.28 -9.97
C LYS A 354 19.44 7.47 -10.42
N LYS A 355 20.06 8.46 -11.08
CA LYS A 355 19.34 9.65 -11.58
C LYS A 355 18.30 9.31 -12.64
N ASN A 356 18.64 8.41 -13.56
CA ASN A 356 17.71 7.94 -14.63
C ASN A 356 16.47 7.20 -14.12
N ALA A 357 16.63 6.47 -13.01
CA ALA A 357 15.53 5.73 -12.41
C ALA A 357 14.60 6.53 -11.48
N ARG A 358 14.95 7.78 -11.18
N ARG A 358 14.95 7.78 -11.18
CA ARG A 358 14.17 8.65 -10.26
CA ARG A 358 14.17 8.65 -10.27
C ARG A 358 12.71 8.82 -10.67
C ARG A 358 12.71 8.84 -10.68
N LYS A 359 12.47 9.02 -11.97
CA LYS A 359 11.13 9.25 -12.52
C LYS A 359 10.46 7.99 -13.07
N ALA A 360 11.10 6.84 -12.88
CA ALA A 360 10.54 5.55 -13.28
C ALA A 360 9.46 5.11 -12.29
N PRO A 361 8.55 4.22 -12.74
CA PRO A 361 7.58 3.64 -11.82
C PRO A 361 8.27 2.95 -10.63
N GLN A 362 7.61 2.97 -9.47
CA GLN A 362 8.16 2.40 -8.23
C GLN A 362 7.71 0.95 -8.06
N PRO A 363 8.66 0.03 -7.81
CA PRO A 363 8.26 -1.35 -7.67
C PRO A 363 7.59 -1.58 -6.31
N GLU A 364 6.64 -2.50 -6.28
CA GLU A 364 5.93 -2.80 -5.06
C GLU A 364 5.31 -4.19 -5.17
N VAL A 365 5.49 -5.02 -4.13
CA VAL A 365 4.79 -6.31 -4.08
C VAL A 365 3.43 -6.10 -3.44
N ARG A 366 2.38 -6.57 -4.12
CA ARG A 366 0.98 -6.36 -3.73
C ARG A 366 0.14 -7.63 -3.79
N ARG A 367 -0.74 -7.77 -2.81
CA ARG A 367 -1.72 -8.83 -2.76
C ARG A 367 -3.08 -8.22 -3.07
N TYR A 368 -3.71 -8.68 -4.15
CA TYR A 368 -5.09 -8.32 -4.47
C TYR A 368 -5.94 -9.49 -4.11
N VAL A 369 -7.21 -9.23 -3.77
CA VAL A 369 -8.14 -10.29 -3.37
C VAL A 369 -9.44 -10.08 -4.12
N LEU A 370 -9.77 -11.03 -4.99
CA LEU A 370 -10.89 -10.93 -5.93
C LEU A 370 -12.06 -11.75 -5.34
N PRO A 371 -13.15 -11.08 -4.98
CA PRO A 371 -14.31 -11.87 -4.54
C PRO A 371 -14.97 -12.62 -5.69
N LEU A 372 -15.38 -13.86 -5.47
CA LEU A 372 -16.14 -14.65 -6.46
C LEU A 372 -17.66 -14.63 -6.22
N ASN A 373 -18.10 -14.30 -5.00
CA ASN A 373 -19.54 -14.14 -4.70
C ASN A 373 -19.94 -12.68 -4.59
N ILE A 374 -20.43 -12.12 -5.69
CA ILE A 374 -20.86 -10.72 -5.74
C ILE A 374 -22.39 -10.63 -5.50
N ASP A 375 -22.78 -10.21 -4.30
CA ASP A 375 -24.17 -9.95 -3.95
C ASP A 375 -24.52 -8.47 -4.22
N LYS A 376 -25.42 -8.20 -5.16
CA LYS A 376 -25.95 -6.84 -5.41
C LYS A 376 -26.35 -6.11 -4.13
N ALA A 377 -26.92 -6.82 -3.17
CA ALA A 377 -27.29 -6.26 -1.86
C ALA A 377 -26.11 -5.61 -1.09
N ASP A 378 -24.88 -6.02 -1.38
CA ASP A 378 -23.67 -5.37 -0.81
C ASP A 378 -23.12 -4.16 -1.59
N THR A 379 -23.83 -3.66 -2.60
CA THR A 379 -23.38 -2.50 -3.35
C THR A 379 -22.96 -1.37 -2.40
N GLY A 380 -21.78 -0.80 -2.69
CA GLY A 380 -21.18 0.24 -1.89
C GLY A 380 -20.23 -0.24 -0.80
N LYS A 381 -20.22 -1.55 -0.50
CA LYS A 381 -19.45 -2.10 0.62
C LYS A 381 -18.25 -2.92 0.17
N ASN A 382 -17.39 -3.23 1.14
CA ASN A 382 -16.20 -4.05 0.98
C ASN A 382 -16.60 -5.52 1.02
N LEU A 383 -16.37 -6.24 -0.08
CA LEU A 383 -16.76 -7.66 -0.15
C LEU A 383 -15.75 -8.61 0.45
N VAL A 384 -14.53 -8.12 0.74
CA VAL A 384 -13.42 -8.99 1.18
C VAL A 384 -13.54 -9.22 2.68
N THR A 385 -14.32 -10.23 3.00
CA THR A 385 -14.62 -10.58 4.38
C THR A 385 -13.60 -11.52 5.01
N LEU A 386 -12.52 -11.88 4.33
CA LEU A 386 -11.49 -12.74 4.94
C LEU A 386 -10.83 -12.09 6.16
N PRO A 387 -10.35 -12.91 7.10
CA PRO A 387 -9.87 -12.34 8.35
C PRO A 387 -8.41 -11.80 8.39
N ASN A 388 -7.57 -12.22 7.45
CA ASN A 388 -6.12 -11.96 7.53
C ASN A 388 -5.56 -11.14 6.38
N THR A 389 -6.39 -10.25 5.83
CA THR A 389 -5.95 -9.33 4.79
C THR A 389 -6.53 -7.93 5.03
N THR A 390 -5.80 -6.93 4.57
CA THR A 390 -6.28 -5.56 4.51
C THR A 390 -6.74 -5.19 3.10
N ALA A 391 -6.60 -6.12 2.14
CA ALA A 391 -7.09 -5.88 0.78
C ALA A 391 -8.60 -5.69 0.79
N THR A 392 -9.09 -4.84 -0.11
CA THR A 392 -10.49 -4.55 -0.22
C THR A 392 -10.96 -4.71 -1.66
N ALA A 393 -12.28 -4.85 -1.79
CA ALA A 393 -12.93 -4.92 -3.09
C ALA A 393 -14.36 -4.38 -2.96
N ILE A 394 -14.61 -3.25 -3.63
CA ILE A 394 -15.82 -2.48 -3.41
C ILE A 394 -16.71 -2.54 -4.62
N LEU A 395 -17.91 -3.08 -4.40
CA LEU A 395 -18.90 -3.18 -5.44
C LEU A 395 -19.53 -1.82 -5.65
N CYS A 396 -19.39 -1.29 -6.86
CA CYS A 396 -20.00 -0.03 -7.25
C CYS A 396 -21.33 -0.27 -7.99
N SER A 397 -22.11 0.80 -8.14
CA SER A 397 -23.46 0.72 -8.71
C SER A 397 -23.48 0.39 -10.18
N ASP A 398 -22.46 0.81 -10.91
CA ASP A 398 -22.21 0.32 -12.27
C ASP A 398 -21.68 -1.12 -12.35
N GLU A 399 -21.59 -1.82 -11.22
CA GLU A 399 -21.13 -3.21 -11.14
C GLU A 399 -19.63 -3.42 -11.40
N THR A 400 -18.84 -2.35 -11.44
CA THR A 400 -17.40 -2.49 -11.39
C THR A 400 -17.03 -2.76 -9.93
N ILE A 401 -15.98 -3.55 -9.74
CA ILE A 401 -15.50 -3.93 -8.41
C ILE A 401 -14.11 -3.28 -8.28
N TRP A 402 -14.05 -2.21 -7.49
CA TRP A 402 -12.82 -1.47 -7.31
C TRP A 402 -11.97 -2.20 -6.28
N LEU A 403 -10.68 -2.41 -6.57
CA LEU A 403 -9.79 -3.15 -5.64
C LEU A 403 -8.71 -2.27 -5.04
N GLU A 404 -8.40 -2.46 -3.77
CA GLU A 404 -7.21 -1.87 -3.15
C GLU A 404 -6.37 -3.02 -2.68
N PRO A 405 -5.05 -2.97 -2.87
CA PRO A 405 -4.18 -4.07 -2.45
C PRO A 405 -3.73 -3.98 -1.00
N GLU A 406 -3.28 -5.12 -0.48
CA GLU A 406 -2.43 -5.18 0.69
C GLU A 406 -1.02 -5.15 0.13
N VAL A 407 -0.17 -4.29 0.67
CA VAL A 407 1.25 -4.17 0.25
C VAL A 407 2.11 -5.11 1.06
N LEU A 408 2.73 -6.09 0.40
CA LEU A 408 3.55 -7.08 1.09
C LEU A 408 4.99 -6.63 1.25
N PHE A 409 5.51 -5.87 0.27
CA PHE A 409 6.87 -5.32 0.34
C PHE A 409 6.99 -4.07 -0.51
N SER A 410 7.64 -3.04 0.06
CA SER A 410 7.90 -1.77 -0.63
C SER A 410 9.21 -1.15 -0.18
N GLY A 411 10.08 -0.82 -1.13
CA GLY A 411 11.37 -0.14 -0.85
C GLY A 411 11.64 0.84 -1.98
N PRO A 412 12.35 1.97 -1.68
CA PRO A 412 12.56 3.04 -2.71
C PRO A 412 13.49 2.67 -3.87
N ARG A 413 12.90 2.36 -5.03
CA ARG A 413 13.60 1.81 -6.19
C ARG A 413 14.31 0.49 -5.87
N GLN A 414 13.72 -0.27 -4.94
CA GLN A 414 14.24 -1.54 -4.51
C GLN A 414 13.18 -2.55 -4.86
N ALA A 415 13.28 -3.13 -6.06
CA ALA A 415 12.29 -4.10 -6.55
C ALA A 415 12.58 -5.47 -6.00
N PHE A 416 11.55 -6.13 -5.47
CA PHE A 416 11.58 -7.56 -5.27
C PHE A 416 11.05 -8.10 -6.58
N GLU A 417 11.94 -8.59 -7.45
CA GLU A 417 11.56 -9.03 -8.80
C GLU A 417 12.02 -10.46 -9.07
N PHE A 418 11.68 -10.96 -10.26
CA PHE A 418 11.93 -12.35 -10.68
C PHE A 418 11.52 -13.39 -9.63
N PRO A 419 10.24 -13.31 -9.19
CA PRO A 419 9.86 -14.11 -8.04
C PRO A 419 9.80 -15.60 -8.35
N GLN A 420 10.11 -16.40 -7.33
CA GLN A 420 9.99 -17.85 -7.40
C GLN A 420 9.39 -18.35 -6.11
N ILE A 421 8.71 -19.50 -6.19
CA ILE A 421 8.18 -20.17 -5.00
C ILE A 421 8.61 -21.64 -5.11
N ASN A 422 8.26 -22.44 -4.10
CA ASN A 422 8.28 -23.90 -4.22
C ASN A 422 7.09 -24.26 -5.10
N TYR A 423 7.31 -24.23 -6.41
CA TYR A 423 6.23 -24.26 -7.39
C TYR A 423 5.52 -25.61 -7.49
N GLN A 424 6.27 -26.71 -7.43
CA GLN A 424 5.68 -28.02 -7.65
C GLN A 424 4.61 -28.42 -6.63
N LYS A 425 4.82 -28.04 -5.37
CA LYS A 425 3.90 -28.38 -4.30
C LYS A 425 2.95 -27.22 -3.97
N TYR A 426 3.40 -25.97 -4.12
CA TYR A 426 2.64 -24.79 -3.68
C TYR A 426 2.08 -23.87 -4.79
N GLY A 427 2.47 -24.11 -6.03
CA GLY A 427 1.94 -23.33 -7.14
C GLY A 427 0.44 -23.51 -7.30
N GLY A 428 -0.27 -22.39 -7.41
CA GLY A 428 -1.72 -22.41 -7.44
C GLY A 428 -2.40 -22.70 -6.10
N LYS A 429 -1.63 -22.80 -5.01
CA LYS A 429 -2.16 -23.23 -3.71
C LYS A 429 -1.75 -22.26 -2.59
N PRO A 430 -2.47 -22.31 -1.46
CA PRO A 430 -2.06 -21.51 -0.30
C PRO A 430 -0.58 -21.67 0.00
N TYR A 431 0.12 -20.56 0.20
CA TYR A 431 1.56 -20.60 0.37
C TYR A 431 1.99 -19.49 1.31
N THR A 432 3.27 -19.48 1.65
CA THR A 432 3.85 -18.59 2.66
C THR A 432 5.13 -17.88 2.20
N TYR A 433 5.95 -18.51 1.36
CA TYR A 433 7.28 -18.00 1.03
C TYR A 433 7.46 -17.72 -0.47
N ALA A 434 8.09 -16.58 -0.76
CA ALA A 434 8.54 -16.24 -2.11
C ALA A 434 10.02 -15.80 -2.09
N TYR A 435 10.73 -16.15 -3.14
CA TYR A 435 12.13 -15.78 -3.30
C TYR A 435 12.19 -14.85 -4.47
N GLY A 436 13.14 -13.94 -4.47
CA GLY A 436 13.26 -12.99 -5.55
C GLY A 436 14.62 -12.38 -5.71
N LEU A 437 14.84 -11.79 -6.87
CA LEU A 437 16.02 -11.01 -7.16
C LEU A 437 15.73 -9.56 -6.80
N GLY A 438 16.62 -8.96 -6.03
CA GLY A 438 16.45 -7.58 -5.60
C GLY A 438 17.14 -6.63 -6.57
N LEU A 439 16.39 -5.70 -7.15
CA LEU A 439 16.93 -4.67 -8.03
C LEU A 439 17.09 -3.34 -7.29
N ASN A 440 18.22 -2.69 -7.54
CA ASN A 440 18.58 -1.43 -6.94
C ASN A 440 18.74 -0.43 -8.08
N HIS A 441 17.71 0.38 -8.31
CA HIS A 441 17.63 1.24 -9.50
C HIS A 441 17.88 0.42 -10.77
N PHE A 442 17.19 -0.71 -10.86
CA PHE A 442 17.28 -1.70 -11.98
C PHE A 442 18.50 -2.63 -11.99
N VAL A 443 19.52 -2.31 -11.20
CA VAL A 443 20.72 -3.14 -11.09
C VAL A 443 20.46 -4.26 -10.08
N PRO A 444 20.58 -5.52 -10.51
CA PRO A 444 20.39 -6.65 -9.58
C PRO A 444 21.58 -6.82 -8.64
N ASP A 445 21.39 -6.57 -7.36
CA ASP A 445 22.49 -6.63 -6.40
C ASP A 445 22.28 -7.46 -5.13
N ARG A 446 21.21 -8.26 -5.06
CA ARG A 446 20.92 -9.09 -3.86
C ARG A 446 19.86 -10.13 -4.09
N LEU A 447 19.76 -11.06 -3.17
CA LEU A 447 18.71 -12.05 -3.17
C LEU A 447 17.81 -11.90 -1.94
N CYS A 448 16.51 -12.09 -2.13
CA CYS A 448 15.51 -11.82 -1.11
C CYS A 448 14.54 -12.97 -0.91
N LYS A 449 14.08 -13.11 0.32
CA LYS A 449 13.01 -14.00 0.68
C LYS A 449 11.93 -13.22 1.42
N LEU A 450 10.67 -13.50 1.09
CA LEU A 450 9.56 -12.77 1.65
C LEU A 450 8.56 -13.75 2.22
N ASN A 451 8.24 -13.59 3.51
CA ASN A 451 7.11 -14.32 4.12
C ASN A 451 5.87 -13.48 3.80
N VAL A 452 4.97 -14.01 2.97
CA VAL A 452 3.80 -13.23 2.54
C VAL A 452 2.70 -13.08 3.58
N LYS A 453 2.69 -13.93 4.61
CA LYS A 453 1.75 -13.79 5.73
C LYS A 453 2.21 -12.75 6.75
N THR A 454 3.49 -12.82 7.15
CA THR A 454 4.03 -11.94 8.18
C THR A 454 4.78 -10.71 7.68
N LYS A 455 5.09 -10.70 6.38
CA LYS A 455 5.88 -9.63 5.73
C LYS A 455 7.35 -9.55 6.16
N GLU A 456 7.86 -10.59 6.83
CA GLU A 456 9.27 -10.63 7.16
C GLU A 456 10.06 -10.89 5.88
N THR A 457 11.25 -10.32 5.81
CA THR A 457 12.16 -10.53 4.70
C THR A 457 13.53 -10.97 5.19
N TRP A 458 14.26 -11.69 4.33
CA TRP A 458 15.66 -12.05 4.53
C TRP A 458 16.43 -11.58 3.31
N VAL A 459 17.69 -11.20 3.48
CA VAL A 459 18.51 -10.72 2.38
C VAL A 459 19.88 -11.42 2.38
N TRP A 460 20.35 -11.71 1.18
CA TRP A 460 21.74 -12.10 0.95
C TRP A 460 22.32 -11.09 0.01
N GLN A 461 23.45 -10.51 0.41
CA GLN A 461 24.06 -9.46 -0.38
C GLN A 461 25.55 -9.43 -0.08
N GLU A 462 26.36 -9.42 -1.15
CA GLU A 462 27.80 -9.13 -1.06
C GLU A 462 28.17 -8.00 -1.98
N PRO A 463 29.21 -7.20 -1.61
CA PRO A 463 29.62 -6.05 -2.44
C PRO A 463 30.07 -6.44 -3.85
N ASP A 464 29.73 -5.62 -4.83
CA ASP A 464 30.15 -5.83 -6.22
C ASP A 464 29.79 -7.23 -6.76
N SER A 465 28.65 -7.73 -6.30
CA SER A 465 28.13 -9.03 -6.70
C SER A 465 26.71 -8.87 -7.24
N TYR A 466 26.48 -9.40 -8.43
CA TYR A 466 25.25 -9.15 -9.19
C TYR A 466 24.52 -10.46 -9.51
N PRO A 467 23.58 -10.86 -8.63
CA PRO A 467 22.97 -12.17 -8.77
C PRO A 467 21.91 -12.24 -9.84
N SER A 468 21.45 -13.46 -10.13
CA SER A 468 20.33 -13.73 -11.05
C SER A 468 19.11 -14.21 -10.24
N GLU A 469 18.00 -14.38 -10.96
CA GLU A 469 16.79 -14.99 -10.40
C GLU A 469 17.17 -16.17 -9.56
N PRO A 470 16.72 -16.20 -8.30
CA PRO A 470 16.96 -17.38 -7.46
C PRO A 470 15.96 -18.46 -7.84
N ILE A 471 16.41 -19.71 -7.93
CA ILE A 471 15.50 -20.80 -8.23
C ILE A 471 15.50 -21.77 -7.06
N PHE A 472 14.29 -22.10 -6.58
CA PHE A 472 14.11 -22.99 -5.44
C PHE A 472 14.14 -24.48 -5.80
N VAL A 473 14.90 -25.27 -5.03
CA VAL A 473 14.93 -26.71 -5.20
C VAL A 473 14.64 -27.33 -3.84
N SER A 474 13.55 -28.08 -3.77
CA SER A 474 13.17 -28.78 -2.55
C SER A 474 14.15 -29.91 -2.26
N HIS A 475 14.36 -30.18 -0.99
CA HIS A 475 14.95 -31.44 -0.59
C HIS A 475 13.91 -32.49 -1.02
N PRO A 476 14.34 -33.62 -1.63
CA PRO A 476 13.35 -34.55 -2.23
C PRO A 476 12.26 -35.08 -1.26
N ASP A 477 12.65 -35.25 -0.01
CA ASP A 477 11.77 -35.64 1.10
C ASP A 477 11.36 -34.49 2.04
N ALA A 478 11.28 -33.26 1.54
CA ALA A 478 10.75 -32.16 2.32
C ALA A 478 9.24 -32.34 2.60
N LEU A 479 8.81 -32.09 3.84
CA LEU A 479 7.40 -31.84 4.13
C LEU A 479 7.07 -30.34 4.31
N GLU A 480 8.07 -29.52 4.66
CA GLU A 480 7.89 -28.06 4.80
C GLU A 480 8.11 -27.31 3.49
N GLU A 481 7.56 -26.10 3.45
CA GLU A 481 7.56 -25.28 2.24
C GLU A 481 8.97 -24.81 1.80
N ASP A 482 9.77 -24.36 2.75
CA ASP A 482 11.12 -23.82 2.50
C ASP A 482 12.27 -24.75 2.91
N ASP A 483 12.04 -26.06 2.87
CA ASP A 483 13.08 -27.05 3.15
C ASP A 483 13.78 -27.38 1.85
N GLY A 484 14.83 -26.63 1.56
CA GLY A 484 15.62 -26.87 0.34
C GLY A 484 16.68 -25.81 0.13
N VAL A 485 17.03 -25.56 -1.12
CA VAL A 485 17.99 -24.50 -1.45
C VAL A 485 17.49 -23.58 -2.54
N VAL A 486 18.08 -22.39 -2.64
CA VAL A 486 17.97 -21.59 -3.86
C VAL A 486 19.33 -21.54 -4.55
N LEU A 487 19.28 -21.54 -5.87
CA LEU A 487 20.45 -21.48 -6.71
C LEU A 487 20.41 -20.15 -7.40
N SER A 488 21.55 -19.48 -7.51
CA SER A 488 21.63 -18.21 -8.25
C SER A 488 22.96 -18.14 -8.96
N VAL A 489 22.96 -17.56 -10.16
CA VAL A 489 24.21 -17.29 -10.87
C VAL A 489 24.65 -15.85 -10.60
N VAL A 490 25.82 -15.71 -9.98
CA VAL A 490 26.33 -14.41 -9.54
C VAL A 490 27.56 -13.98 -10.36
N VAL A 491 27.54 -12.72 -10.81
CA VAL A 491 28.66 -12.09 -11.52
C VAL A 491 29.43 -11.20 -10.55
N SER A 492 30.73 -11.47 -10.40
CA SER A 492 31.58 -10.78 -9.43
C SER A 492 32.84 -10.22 -10.12
N PRO A 493 32.73 -9.05 -10.76
CA PRO A 493 33.88 -8.46 -11.46
C PRO A 493 34.90 -7.87 -10.45
N GLY A 494 35.94 -7.22 -10.96
CA GLY A 494 36.96 -6.63 -10.08
C GLY A 494 37.92 -7.70 -9.61
N ALA A 495 39.22 -7.51 -9.93
CA ALA A 495 40.29 -8.48 -9.65
C ALA A 495 40.37 -8.73 -8.14
N GLY A 496 40.89 -9.90 -7.78
CA GLY A 496 40.73 -10.45 -6.43
C GLY A 496 39.51 -11.34 -6.24
N GLN A 497 38.70 -11.50 -7.29
CA GLN A 497 37.70 -12.56 -7.37
C GLN A 497 37.62 -13.13 -8.77
N LYS A 498 37.11 -14.35 -8.86
CA LYS A 498 36.89 -15.00 -10.15
C LYS A 498 35.70 -14.27 -10.78
N PRO A 499 35.58 -14.27 -12.11
CA PRO A 499 34.54 -13.46 -12.76
C PRO A 499 33.09 -13.71 -12.32
N ALA A 500 32.76 -14.96 -11.99
CA ALA A 500 31.39 -15.38 -11.70
C ALA A 500 31.36 -16.68 -10.94
N TYR A 501 30.18 -17.05 -10.41
CA TYR A 501 30.01 -18.28 -9.65
C TYR A 501 28.56 -18.68 -9.48
N LEU A 502 28.32 -19.96 -9.26
CA LEU A 502 27.02 -20.42 -8.87
C LEU A 502 26.89 -20.38 -7.37
N LEU A 503 25.83 -19.76 -6.87
CA LEU A 503 25.60 -19.62 -5.45
C LEU A 503 24.51 -20.58 -5.03
N ILE A 504 24.72 -21.25 -3.88
CA ILE A 504 23.69 -22.05 -3.23
C ILE A 504 23.47 -21.51 -1.81
N LEU A 505 22.23 -21.04 -1.56
CA LEU A 505 21.81 -20.56 -0.25
C LEU A 505 20.80 -21.55 0.31
N ASN A 506 20.81 -21.70 1.63
CA ASN A 506 19.75 -22.43 2.33
C ASN A 506 18.47 -21.62 2.27
N ALA A 507 17.37 -22.24 1.84
CA ALA A 507 16.11 -21.56 1.66
C ALA A 507 15.41 -21.11 2.96
N LYS A 508 15.85 -21.61 4.12
CA LYS A 508 15.29 -21.21 5.42
C LYS A 508 15.58 -19.77 5.77
N ASP A 509 16.87 -19.46 5.78
CA ASP A 509 17.39 -18.16 6.23
C ASP A 509 18.27 -17.44 5.21
N LEU A 510 18.38 -17.98 3.99
CA LEU A 510 19.33 -17.46 2.97
C LEU A 510 20.82 -17.43 3.38
N SER A 511 21.22 -18.28 4.32
CA SER A 511 22.63 -18.40 4.69
C SER A 511 23.35 -19.22 3.62
N GLU A 512 24.59 -18.83 3.32
CA GLU A 512 25.34 -19.48 2.23
C GLU A 512 25.62 -20.94 2.58
N VAL A 513 25.49 -21.81 1.58
CA VAL A 513 25.79 -23.24 1.71
C VAL A 513 27.06 -23.56 0.94
N ALA A 514 27.13 -23.12 -0.31
CA ALA A 514 28.30 -23.32 -1.16
C ALA A 514 28.31 -22.34 -2.31
N ARG A 515 29.47 -22.22 -2.95
CA ARG A 515 29.57 -21.60 -4.26
C ARG A 515 30.57 -22.31 -5.16
N ALA A 516 30.29 -22.26 -6.46
CA ALA A 516 31.04 -22.95 -7.50
C ALA A 516 31.54 -21.90 -8.47
N GLU A 517 32.80 -21.50 -8.33
CA GLU A 517 33.42 -20.45 -9.17
C GLU A 517 33.81 -20.97 -10.55
N VAL A 518 33.65 -20.11 -11.56
CA VAL A 518 34.17 -20.39 -12.92
C VAL A 518 35.15 -19.31 -13.37
N GLU A 519 35.89 -19.64 -14.43
CA GLU A 519 37.06 -18.86 -14.88
C GLU A 519 36.70 -17.75 -15.86
N ILE A 520 35.45 -17.71 -16.32
CA ILE A 520 35.00 -16.81 -17.39
C ILE A 520 33.83 -15.96 -16.91
N ASN A 521 33.59 -14.83 -17.58
CA ASN A 521 32.41 -14.01 -17.31
C ASN A 521 31.11 -14.73 -17.73
N ILE A 522 30.02 -14.32 -17.09
CA ILE A 522 28.67 -14.75 -17.47
C ILE A 522 27.83 -13.48 -17.58
N PRO A 523 27.13 -13.28 -18.70
CA PRO A 523 26.26 -12.10 -18.79
C PRO A 523 24.95 -12.27 -18.01
N VAL A 524 24.13 -11.23 -18.03
CA VAL A 524 22.80 -11.28 -17.44
C VAL A 524 22.00 -12.49 -17.99
N THR A 525 21.30 -13.16 -17.08
CA THR A 525 20.31 -14.18 -17.43
C THR A 525 18.98 -13.79 -16.81
N PHE A 526 17.88 -14.20 -17.45
CA PHE A 526 16.53 -13.86 -17.03
C PHE A 526 15.88 -14.98 -16.27
N HIS A 527 15.49 -16.04 -16.95
CA HIS A 527 14.75 -17.12 -16.31
C HIS A 527 15.37 -18.45 -16.64
N GLY A 528 14.90 -19.46 -15.91
CA GLY A 528 15.36 -20.80 -16.10
C GLY A 528 14.61 -21.81 -15.27
N LEU A 529 15.27 -22.94 -15.04
CA LEU A 529 14.68 -24.03 -14.26
C LEU A 529 15.77 -24.96 -13.78
N PHE A 530 15.42 -25.77 -12.77
CA PHE A 530 16.22 -26.90 -12.38
C PHE A 530 15.58 -28.13 -12.98
N LYS A 531 16.37 -28.94 -13.69
CA LYS A 531 15.92 -30.22 -14.23
C LYS A 531 16.57 -31.32 -13.41
N LYS A 532 15.75 -32.06 -12.65
CA LYS A 532 16.21 -33.17 -11.83
C LYS A 532 16.66 -34.35 -12.69
N SER A 533 17.67 -35.05 -12.20
CA SER A 533 18.16 -36.30 -12.82
C SER A 533 18.47 -37.35 -11.76
N SER B 2 -0.65 -4.28 15.59
CA SER B 2 -1.96 -4.98 15.67
C SER B 2 -2.22 -5.48 17.09
N SER B 3 -3.49 -5.78 17.36
CA SER B 3 -3.91 -6.41 18.60
C SER B 3 -3.54 -7.90 18.58
N GLN B 4 -3.46 -8.49 19.78
CA GLN B 4 -3.24 -9.92 19.94
C GLN B 4 -4.26 -10.53 20.93
N VAL B 5 -5.44 -9.90 21.00
CA VAL B 5 -6.41 -10.14 22.05
C VAL B 5 -7.83 -10.20 21.43
N GLU B 6 -8.62 -11.19 21.88
CA GLU B 6 -10.06 -11.19 21.66
C GLU B 6 -10.72 -10.60 22.92
N HIS B 7 -12.00 -10.28 22.82
CA HIS B 7 -12.74 -9.61 23.91
C HIS B 7 -14.06 -10.28 24.28
N PRO B 8 -14.07 -11.64 24.43
CA PRO B 8 -15.32 -12.40 24.66
C PRO B 8 -16.12 -12.03 25.91
N ALA B 9 -15.48 -11.42 26.91
CA ALA B 9 -16.20 -10.91 28.09
C ALA B 9 -17.05 -9.67 27.80
N GLY B 10 -16.77 -8.95 26.70
CA GLY B 10 -17.59 -7.80 26.29
C GLY B 10 -17.46 -6.54 27.15
N GLY B 11 -16.32 -6.36 27.81
CA GLY B 11 -16.11 -5.22 28.73
C GLY B 11 -16.06 -3.83 28.09
N TYR B 12 -15.72 -3.78 26.81
CA TYR B 12 -15.86 -2.55 26.01
C TYR B 12 -17.23 -1.86 26.10
N LYS B 13 -18.29 -2.61 26.41
CA LYS B 13 -19.62 -1.99 26.66
C LYS B 13 -19.62 -0.92 27.74
N LYS B 14 -18.71 -1.01 28.71
CA LYS B 14 -18.55 0.04 29.71
C LYS B 14 -18.11 1.41 29.16
N LEU B 15 -17.48 1.41 27.99
CA LEU B 15 -17.17 2.67 27.29
C LEU B 15 -18.43 3.49 26.96
N PHE B 16 -19.57 2.81 26.76
CA PHE B 16 -20.82 3.45 26.34
C PHE B 16 -21.93 3.44 27.41
N GLU B 17 -21.52 3.43 28.68
CA GLU B 17 -22.42 3.38 29.81
C GLU B 17 -22.39 4.71 30.55
N THR B 18 -23.56 5.30 30.74
CA THR B 18 -23.72 6.56 31.48
C THR B 18 -22.94 6.60 32.83
N VAL B 19 -22.50 7.81 33.19
CA VAL B 19 -21.81 8.05 34.46
C VAL B 19 -22.35 9.33 35.10
N GLU B 20 -22.10 9.47 36.40
CA GLU B 20 -22.46 10.68 37.12
C GLU B 20 -21.25 11.59 37.12
N GLU B 21 -21.45 12.90 37.06
CA GLU B 21 -20.36 13.83 37.33
C GLU B 21 -20.01 13.80 38.82
N LEU B 22 -18.83 14.33 39.14
CA LEU B 22 -18.37 14.47 40.52
C LEU B 22 -18.52 15.92 40.98
N SER B 23 -18.73 16.15 42.27
CA SER B 23 -18.83 17.52 42.79
C SER B 23 -17.47 18.10 43.16
N SER B 24 -16.46 17.26 43.33
CA SER B 24 -15.07 17.71 43.51
C SER B 24 -14.08 16.59 43.15
N PRO B 25 -12.78 16.94 42.93
CA PRO B 25 -11.75 15.94 42.58
C PRO B 25 -11.66 14.71 43.50
N LEU B 26 -11.39 13.55 42.91
CA LEU B 26 -11.01 12.34 43.65
C LEU B 26 -9.51 12.23 43.68
N THR B 27 -8.98 11.53 44.67
CA THR B 27 -7.59 11.12 44.68
C THR B 27 -7.47 9.83 43.89
N ALA B 28 -6.48 9.77 43.00
CA ALA B 28 -6.20 8.57 42.22
C ALA B 28 -5.04 7.81 42.88
N HIS B 29 -5.21 6.50 43.09
N HIS B 29 -5.18 6.49 43.00
CA HIS B 29 -4.17 5.67 43.71
CA HIS B 29 -4.21 5.68 43.69
C HIS B 29 -3.09 5.38 42.67
C HIS B 29 -3.08 5.33 42.71
N VAL B 30 -1.91 5.94 42.92
CA VAL B 30 -0.75 5.79 42.04
C VAL B 30 0.02 4.51 42.34
N THR B 31 0.34 3.73 41.31
CA THR B 31 1.41 2.70 41.38
C THR B 31 2.44 2.97 40.26
N GLY B 32 3.69 2.56 40.50
CA GLY B 32 4.82 3.06 39.73
C GLY B 32 5.12 4.48 40.17
N ARG B 33 5.74 5.28 39.32
CA ARG B 33 6.16 6.63 39.67
C ARG B 33 5.78 7.68 38.63
N ILE B 34 4.92 8.62 39.03
CA ILE B 34 4.52 9.73 38.18
C ILE B 34 5.72 10.65 38.03
N PRO B 35 6.14 10.95 36.78
CA PRO B 35 7.33 11.79 36.66
C PRO B 35 7.18 13.13 37.34
N LEU B 36 8.21 13.55 38.08
CA LEU B 36 8.11 14.77 38.88
C LEU B 36 8.12 16.06 38.03
N TRP B 37 8.53 15.95 36.77
CA TRP B 37 8.45 17.10 35.84
C TRP B 37 7.07 17.32 35.23
N LEU B 38 6.16 16.37 35.46
CA LEU B 38 4.84 16.39 34.86
C LEU B 38 3.93 17.19 35.77
N THR B 39 3.73 18.46 35.43
CA THR B 39 2.89 19.37 36.21
C THR B 39 1.87 20.00 35.28
N GLY B 40 0.59 19.78 35.56
CA GLY B 40 -0.49 20.24 34.69
C GLY B 40 -1.68 19.30 34.65
N SER B 41 -2.52 19.48 33.63
CA SER B 41 -3.85 18.88 33.56
C SER B 41 -4.10 18.20 32.22
N LEU B 42 -4.40 16.91 32.24
CA LEU B 42 -4.87 16.24 31.04
C LEU B 42 -6.37 16.51 30.95
N LEU B 43 -6.75 17.35 30.00
CA LEU B 43 -8.16 17.68 29.73
C LEU B 43 -8.66 16.85 28.54
N ARG B 44 -9.74 16.08 28.71
CA ARG B 44 -10.33 15.27 27.63
C ARG B 44 -11.85 15.37 27.57
N CYS B 45 -12.38 15.20 26.36
CA CYS B 45 -13.83 15.26 26.11
C CYS B 45 -14.34 13.95 25.55
N GLY B 46 -15.60 13.67 25.85
CA GLY B 46 -16.29 12.48 25.38
C GLY B 46 -17.75 12.51 25.81
N PRO B 47 -18.59 11.61 25.28
CA PRO B 47 -19.96 11.47 25.80
C PRO B 47 -19.98 10.86 27.21
N GLY B 48 -20.89 11.34 28.05
CA GLY B 48 -21.09 10.81 29.41
C GLY B 48 -22.51 10.39 29.78
N LEU B 49 -23.51 10.88 29.05
CA LEU B 49 -24.90 10.55 29.30
C LEU B 49 -25.49 10.00 28.00
N PHE B 50 -25.83 8.71 27.99
CA PHE B 50 -26.25 8.03 26.74
C PHE B 50 -27.76 7.81 26.63
N GLU B 51 -28.50 8.35 27.59
CA GLU B 51 -29.95 8.43 27.51
C GLU B 51 -30.46 9.53 28.43
N VAL B 52 -31.54 10.17 28.02
CA VAL B 52 -32.25 11.14 28.84
C VAL B 52 -33.51 10.44 29.34
N GLY B 53 -33.42 9.89 30.55
CA GLY B 53 -34.48 9.08 31.12
C GLY B 53 -34.70 7.76 30.38
N SER B 54 -35.83 7.66 29.69
CA SER B 54 -36.19 6.48 28.93
C SER B 54 -35.87 6.64 27.42
N GLU B 55 -35.58 7.86 26.96
CA GLU B 55 -35.24 8.12 25.55
C GLU B 55 -33.73 7.92 25.36
N PRO B 56 -33.33 7.01 24.44
CA PRO B 56 -31.91 6.72 24.23
C PRO B 56 -31.29 7.56 23.10
N PHE B 57 -30.01 7.90 23.25
CA PHE B 57 -29.20 8.36 22.14
C PHE B 57 -28.79 7.12 21.32
N TYR B 58 -28.82 7.22 20.00
CA TYR B 58 -28.47 6.08 19.11
C TYR B 58 -27.01 5.98 18.67
N HIS B 59 -26.35 7.11 18.43
CA HIS B 59 -24.99 7.13 17.85
C HIS B 59 -23.89 7.43 18.87
N LEU B 60 -22.68 6.98 18.53
CA LEU B 60 -21.48 7.26 19.32
C LEU B 60 -21.26 8.76 19.62
N PHE B 61 -21.67 9.61 18.69
CA PHE B 61 -21.46 11.05 18.77
C PHE B 61 -22.66 11.84 19.32
N ASP B 62 -23.62 11.13 19.91
CA ASP B 62 -24.87 11.72 20.43
C ASP B 62 -24.91 11.96 21.93
N GLY B 63 -24.19 11.15 22.72
CA GLY B 63 -24.10 11.35 24.17
C GLY B 63 -23.63 12.74 24.58
N GLN B 64 -24.13 13.22 25.72
CA GLN B 64 -23.85 14.58 26.16
C GLN B 64 -22.42 14.75 26.66
N ALA B 65 -21.81 15.83 26.21
CA ALA B 65 -20.42 16.17 26.52
C ALA B 65 -20.08 16.13 28.01
N LEU B 66 -18.99 15.45 28.32
CA LEU B 66 -18.44 15.31 29.67
C LEU B 66 -16.97 15.70 29.59
N LEU B 67 -16.58 16.71 30.36
CA LEU B 67 -15.23 17.23 30.40
C LEU B 67 -14.50 16.55 31.55
N HIS B 68 -13.37 15.89 31.24
CA HIS B 68 -12.55 15.15 32.22
C HIS B 68 -11.23 15.82 32.51
N LYS B 69 -10.75 15.77 33.76
CA LYS B 69 -9.44 16.34 34.12
C LYS B 69 -8.64 15.43 35.06
N PHE B 70 -7.46 15.01 34.60
CA PHE B 70 -6.44 14.40 35.47
C PHE B 70 -5.38 15.46 35.77
N ASP B 71 -5.20 15.79 37.04
CA ASP B 71 -4.21 16.77 37.49
C ASP B 71 -2.97 16.08 37.99
N PHE B 72 -1.81 16.66 37.69
CA PHE B 72 -0.53 16.11 38.08
C PHE B 72 0.27 17.13 38.83
N LYS B 73 0.67 16.80 40.06
CA LYS B 73 1.57 17.65 40.81
C LYS B 73 2.37 16.79 41.78
N GLU B 74 3.69 16.98 41.76
CA GLU B 74 4.63 16.35 42.71
C GLU B 74 4.40 14.85 42.95
N GLY B 75 4.09 14.15 41.85
CA GLY B 75 3.89 12.71 41.87
C GLY B 75 2.54 12.22 42.32
N HIS B 76 1.59 13.15 42.50
CA HIS B 76 0.24 12.82 42.98
C HIS B 76 -0.76 13.22 41.89
N VAL B 77 -1.88 12.51 41.84
CA VAL B 77 -2.85 12.64 40.75
C VAL B 77 -4.27 12.73 41.32
N THR B 78 -5.03 13.72 40.83
CA THR B 78 -6.46 13.77 41.07
C THR B 78 -7.24 13.63 39.77
N TYR B 79 -8.50 13.23 39.91
CA TYR B 79 -9.40 13.07 38.79
C TYR B 79 -10.67 13.83 39.10
N HIS B 80 -11.17 14.58 38.12
CA HIS B 80 -12.43 15.32 38.24
C HIS B 80 -13.14 15.34 36.89
N ARG B 81 -14.47 15.36 36.91
CA ARG B 81 -15.25 15.46 35.69
C ARG B 81 -16.59 16.15 35.90
N ARG B 82 -17.01 16.92 34.89
CA ARG B 82 -18.27 17.68 34.90
C ARG B 82 -18.90 17.63 33.52
N PHE B 83 -20.21 17.49 33.45
CA PHE B 83 -20.90 17.65 32.19
C PHE B 83 -20.82 19.13 31.78
N ILE B 84 -20.74 19.39 30.49
CA ILE B 84 -20.69 20.75 29.97
C ILE B 84 -22.13 21.26 29.88
N ARG B 85 -22.39 22.42 30.49
CA ARG B 85 -23.73 23.03 30.45
C ARG B 85 -23.96 23.72 29.10
N THR B 86 -24.21 22.90 28.10
CA THR B 86 -24.56 23.33 26.75
C THR B 86 -26.09 23.46 26.67
N ASP B 87 -26.61 24.10 25.63
CA ASP B 87 -28.07 24.17 25.44
C ASP B 87 -28.69 22.79 25.37
N ALA B 88 -28.00 21.87 24.68
CA ALA B 88 -28.43 20.49 24.57
C ALA B 88 -28.56 19.82 25.93
N TYR B 89 -27.58 20.00 26.80
CA TYR B 89 -27.60 19.36 28.11
C TYR B 89 -28.59 20.04 29.04
N VAL B 90 -28.48 21.36 29.12
CA VAL B 90 -29.34 22.21 29.96
C VAL B 90 -30.83 21.96 29.66
N ARG B 91 -31.21 22.04 28.40
CA ARG B 91 -32.60 21.89 28.00
C ARG B 91 -33.14 20.47 28.16
N ALA B 92 -32.26 19.49 27.98
CA ALA B 92 -32.60 18.10 28.29
C ALA B 92 -32.86 17.89 29.79
N MET B 93 -32.08 18.56 30.64
CA MET B 93 -32.28 18.48 32.09
C MET B 93 -33.57 19.22 32.51
N THR B 94 -33.81 20.38 31.90
CA THR B 94 -35.03 21.15 32.13
C THR B 94 -36.26 20.34 31.77
N GLU B 95 -36.34 19.93 30.49
CA GLU B 95 -37.54 19.28 29.96
C GLU B 95 -37.65 17.78 30.22
N LYS B 96 -36.59 17.16 30.73
CA LYS B 96 -36.53 15.70 30.98
C LYS B 96 -36.81 14.82 29.74
N ARG B 97 -36.29 15.27 28.60
CA ARG B 97 -36.36 14.54 27.33
C ARG B 97 -35.21 15.00 26.41
N ILE B 98 -35.06 14.39 25.24
CA ILE B 98 -34.09 14.87 24.26
C ILE B 98 -34.71 16.07 23.55
N VAL B 99 -34.06 17.22 23.64
CA VAL B 99 -34.61 18.44 23.07
C VAL B 99 -33.95 18.79 21.73
N ILE B 100 -32.62 18.77 21.69
CA ILE B 100 -31.88 19.11 20.48
C ILE B 100 -31.55 17.81 19.71
N THR B 101 -31.71 17.86 18.39
CA THR B 101 -31.32 16.77 17.52
C THR B 101 -29.79 16.61 17.50
N GLU B 102 -29.32 15.42 17.85
CA GLU B 102 -27.90 15.11 17.83
C GLU B 102 -27.54 14.40 16.52
N PHE B 103 -26.26 14.18 16.33
CA PHE B 103 -25.71 13.62 15.09
C PHE B 103 -26.54 12.48 14.46
N GLY B 104 -26.82 11.45 15.25
CA GLY B 104 -27.65 10.33 14.81
C GLY B 104 -28.87 10.06 15.67
N THR B 105 -29.44 11.11 16.26
CA THR B 105 -30.60 10.94 17.13
C THR B 105 -31.54 12.12 16.94
N CYS B 106 -32.67 11.86 16.28
CA CYS B 106 -33.67 12.88 16.08
C CYS B 106 -34.42 13.14 17.39
N ALA B 107 -34.63 14.42 17.68
CA ALA B 107 -35.44 14.85 18.82
C ALA B 107 -36.85 15.06 18.30
N PHE B 108 -37.85 14.68 19.08
CA PHE B 108 -39.25 14.89 18.68
C PHE B 108 -39.81 16.09 19.43
N PRO B 109 -40.77 16.85 18.81
CA PRO B 109 -41.34 18.01 19.53
C PRO B 109 -42.38 17.64 20.60
N GLU B 127 -32.31 24.28 14.37
CA GLU B 127 -31.72 24.42 15.71
C GLU B 127 -30.52 23.46 16.01
N VAL B 128 -29.30 23.97 15.79
CA VAL B 128 -28.07 23.15 15.69
C VAL B 128 -27.49 22.78 17.05
N THR B 129 -27.07 21.52 17.19
CA THR B 129 -26.44 21.06 18.43
C THR B 129 -25.13 21.79 18.72
N ASP B 130 -24.90 22.03 20.02
CA ASP B 130 -23.64 22.55 20.57
C ASP B 130 -23.06 21.54 21.57
N ASN B 131 -23.47 20.28 21.40
CA ASN B 131 -23.00 19.21 22.28
C ASN B 131 -21.50 19.00 22.06
N ALA B 132 -20.68 19.68 22.88
CA ALA B 132 -19.24 19.81 22.64
C ALA B 132 -18.43 18.63 23.17
N LEU B 133 -18.67 17.47 22.60
CA LEU B 133 -18.17 16.21 23.15
C LEU B 133 -16.82 15.72 22.61
N VAL B 134 -16.25 16.40 21.61
CA VAL B 134 -15.15 15.85 20.81
C VAL B 134 -13.75 16.28 21.25
N ASN B 135 -13.55 17.56 21.46
CA ASN B 135 -12.23 18.07 21.77
C ASN B 135 -12.25 19.39 22.56
N ILE B 136 -11.09 19.81 23.04
CA ILE B 136 -10.91 21.06 23.73
C ILE B 136 -9.60 21.72 23.26
N TYR B 137 -9.60 23.03 23.06
CA TYR B 137 -8.40 23.73 22.58
C TYR B 137 -8.26 25.20 23.02
N PRO B 138 -7.01 25.71 23.05
CA PRO B 138 -6.77 27.07 23.49
C PRO B 138 -6.97 28.13 22.39
N VAL B 139 -7.66 29.20 22.72
CA VAL B 139 -7.70 30.40 21.91
C VAL B 139 -7.42 31.57 22.85
N GLY B 140 -6.34 32.33 22.60
CA GLY B 140 -5.89 33.36 23.54
C GLY B 140 -5.62 32.78 24.91
N GLU B 141 -6.21 33.35 25.96
CA GLU B 141 -6.12 32.82 27.34
C GLU B 141 -7.27 31.88 27.71
N ASP B 142 -8.15 31.56 26.76
CA ASP B 142 -9.35 30.74 27.00
C ASP B 142 -9.25 29.36 26.37
N TYR B 143 -10.06 28.44 26.89
CA TYR B 143 -10.16 27.08 26.37
C TYR B 143 -11.58 26.84 25.91
N TYR B 144 -11.72 26.11 24.81
CA TYR B 144 -13.01 25.87 24.21
C TYR B 144 -13.22 24.39 23.93
N ALA B 145 -14.28 23.83 24.49
CA ALA B 145 -14.77 22.52 24.06
C ALA B 145 -15.51 22.72 22.74
N CYS B 146 -15.46 21.71 21.88
CA CYS B 146 -16.16 21.77 20.60
C CYS B 146 -16.75 20.43 20.19
N THR B 147 -17.67 20.51 19.25
CA THR B 147 -18.01 19.39 18.40
C THR B 147 -17.49 19.84 17.04
N GLU B 148 -18.27 19.68 15.97
CA GLU B 148 -17.88 20.11 14.63
C GLU B 148 -18.86 21.13 14.04
N THR B 149 -19.67 21.75 14.89
CA THR B 149 -20.70 22.68 14.43
C THR B 149 -20.19 24.12 14.51
N ASN B 150 -21.07 25.07 14.24
CA ASN B 150 -20.80 26.49 14.43
C ASN B 150 -20.71 26.94 15.89
N PHE B 151 -21.18 26.11 16.83
CA PHE B 151 -21.18 26.45 18.25
C PHE B 151 -19.99 25.84 19.00
N ILE B 152 -19.16 26.70 19.59
CA ILE B 152 -18.14 26.22 20.55
C ILE B 152 -18.44 26.72 21.95
N THR B 153 -17.95 26.01 22.95
CA THR B 153 -18.27 26.29 24.35
C THR B 153 -17.02 26.58 25.15
N LYS B 154 -16.88 27.84 25.55
CA LYS B 154 -15.84 28.27 26.48
C LYS B 154 -16.01 27.55 27.84
N VAL B 155 -14.90 27.02 28.36
CA VAL B 155 -14.90 26.29 29.61
C VAL B 155 -13.74 26.70 30.49
N ASN B 156 -13.91 26.51 31.79
CA ASN B 156 -12.90 26.85 32.78
C ASN B 156 -12.03 25.62 33.04
N PRO B 157 -10.72 25.67 32.68
CA PRO B 157 -9.86 24.47 32.79
C PRO B 157 -9.46 24.04 34.21
N GLU B 158 -9.64 24.88 35.22
CA GLU B 158 -9.35 24.48 36.61
C GLU B 158 -10.57 23.89 37.31
N THR B 159 -11.74 24.50 37.12
CA THR B 159 -12.99 24.07 37.78
C THR B 159 -13.90 23.18 36.91
N LEU B 160 -13.66 23.20 35.60
CA LEU B 160 -14.48 22.53 34.60
C LEU B 160 -15.87 23.14 34.43
N GLU B 161 -16.05 24.37 34.87
CA GLU B 161 -17.33 25.05 34.71
C GLU B 161 -17.49 25.59 33.30
N THR B 162 -18.72 25.57 32.84
CA THR B 162 -19.10 26.08 31.53
C THR B 162 -19.27 27.58 31.66
N ILE B 163 -18.59 28.34 30.81
CA ILE B 163 -18.57 29.81 30.90
C ILE B 163 -19.58 30.40 29.93
N LYS B 164 -19.48 30.03 28.66
CA LYS B 164 -20.43 30.51 27.65
C LYS B 164 -20.42 29.76 26.34
N GLN B 165 -21.46 30.00 25.56
CA GLN B 165 -21.57 29.47 24.22
C GLN B 165 -21.07 30.55 23.28
N VAL B 166 -20.36 30.15 22.23
CA VAL B 166 -19.86 31.05 21.19
C VAL B 166 -20.36 30.54 19.86
N ASP B 167 -20.94 31.44 19.07
CA ASP B 167 -21.44 31.13 17.75
C ASP B 167 -20.42 31.70 16.76
N LEU B 168 -19.75 30.82 16.01
CA LEU B 168 -18.72 31.22 15.05
C LEU B 168 -19.30 32.00 13.89
N CYS B 169 -20.59 31.75 13.58
CA CYS B 169 -21.31 32.53 12.54
C CYS B 169 -21.35 34.02 12.81
N ASN B 170 -21.42 34.40 14.09
CA ASN B 170 -21.33 35.80 14.48
C ASN B 170 -20.08 36.48 13.94
N TYR B 171 -18.98 35.74 13.83
CA TYR B 171 -17.66 36.30 13.53
C TYR B 171 -17.14 36.07 12.11
N VAL B 172 -17.39 34.90 11.53
CA VAL B 172 -16.88 34.54 10.19
C VAL B 172 -17.91 33.71 9.46
N SER B 173 -17.73 33.62 8.15
CA SER B 173 -18.68 32.97 7.28
C SER B 173 -18.35 31.49 7.14
N VAL B 174 -18.81 30.70 8.11
CA VAL B 174 -18.71 29.23 8.06
C VAL B 174 -19.90 28.59 8.71
N ASN B 175 -20.34 27.45 8.18
CA ASN B 175 -21.46 26.69 8.76
C ASN B 175 -21.02 25.75 9.88
N GLY B 176 -19.73 25.50 9.98
CA GLY B 176 -19.16 24.73 11.07
C GLY B 176 -17.66 24.79 11.01
N ALA B 177 -16.99 24.27 12.02
CA ALA B 177 -15.55 24.14 12.01
C ALA B 177 -15.20 22.80 12.59
N THR B 178 -14.04 22.25 12.23
CA THR B 178 -13.65 20.91 12.72
C THR B 178 -13.25 20.99 14.18
N ALA B 179 -13.10 19.82 14.79
CA ALA B 179 -12.57 19.73 16.13
C ALA B 179 -11.04 19.63 16.15
N HIS B 180 -10.39 19.92 15.03
CA HIS B 180 -8.94 19.78 14.90
C HIS B 180 -8.32 21.02 14.31
N PRO B 181 -8.48 22.17 15.01
CA PRO B 181 -7.74 23.34 14.55
C PRO B 181 -6.27 23.08 14.78
N HIS B 182 -5.44 23.64 13.91
CA HIS B 182 -4.00 23.69 14.14
C HIS B 182 -3.66 24.96 14.92
N ILE B 183 -2.74 24.83 15.86
CA ILE B 183 -2.32 25.89 16.74
C ILE B 183 -0.81 26.08 16.59
N GLU B 184 -0.40 27.18 15.98
CA GLU B 184 1.04 27.53 15.87
C GLU B 184 1.64 27.86 17.26
N ASN B 185 2.97 27.89 17.34
CA ASN B 185 3.66 28.09 18.63
C ASN B 185 3.40 29.45 19.32
N ASP B 186 3.03 30.47 18.54
CA ASP B 186 2.64 31.80 19.07
C ASP B 186 1.16 31.95 19.48
N GLY B 187 0.36 30.87 19.38
CA GLY B 187 -1.07 30.91 19.70
C GLY B 187 -2.05 31.08 18.53
N THR B 188 -1.53 31.42 17.34
CA THR B 188 -2.39 31.56 16.16
C THR B 188 -3.16 30.25 15.94
N VAL B 189 -4.45 30.36 15.62
CA VAL B 189 -5.29 29.17 15.41
C VAL B 189 -5.81 29.17 13.98
N TYR B 190 -5.66 28.04 13.30
CA TYR B 190 -6.20 27.85 11.97
C TYR B 190 -7.20 26.72 12.05
N ASN B 191 -8.29 26.83 11.30
CA ASN B 191 -9.28 25.77 11.24
C ASN B 191 -9.91 25.80 9.86
N ILE B 192 -10.71 24.79 9.56
CA ILE B 192 -11.40 24.70 8.26
C ILE B 192 -12.88 24.36 8.45
N GLY B 193 -13.72 24.92 7.59
CA GLY B 193 -15.14 24.70 7.70
C GLY B 193 -15.85 24.74 6.36
N ASN B 194 -16.98 24.04 6.31
CA ASN B 194 -17.91 24.15 5.19
C ASN B 194 -18.50 25.56 5.15
N CYS B 195 -18.83 26.02 3.94
CA CYS B 195 -19.56 27.28 3.75
C CYS B 195 -20.56 27.13 2.60
N PHE B 196 -21.86 27.23 2.90
CA PHE B 196 -22.95 27.00 1.93
C PHE B 196 -23.49 28.30 1.30
N ILE B 202 -20.47 28.09 -2.40
CA ILE B 202 -20.14 26.77 -1.83
C ILE B 202 -18.63 26.55 -1.84
N ALA B 203 -18.02 26.52 -0.64
CA ALA B 203 -16.58 26.44 -0.51
C ALA B 203 -16.17 25.80 0.81
N TYR B 204 -14.87 25.61 0.98
CA TYR B 204 -14.31 25.28 2.28
C TYR B 204 -13.43 26.46 2.67
N ASN B 205 -13.76 27.09 3.79
CA ASN B 205 -13.07 28.29 4.27
C ASN B 205 -12.03 27.96 5.32
N ILE B 206 -10.84 28.53 5.20
CA ILE B 206 -9.85 28.48 6.28
C ILE B 206 -10.04 29.73 7.13
N VAL B 207 -10.31 29.50 8.42
CA VAL B 207 -10.42 30.55 9.41
C VAL B 207 -9.07 30.69 10.12
N LYS B 208 -8.63 31.93 10.33
CA LYS B 208 -7.47 32.24 11.16
C LYS B 208 -7.91 33.10 12.35
N ILE B 209 -7.65 32.62 13.55
CA ILE B 209 -7.86 33.37 14.77
C ILE B 209 -6.49 33.82 15.27
N PRO B 210 -6.24 35.17 15.33
CA PRO B 210 -4.92 35.65 15.71
C PRO B 210 -4.65 35.46 17.22
N PRO B 211 -3.37 35.50 17.63
CA PRO B 211 -3.08 35.36 19.06
C PRO B 211 -3.55 36.54 19.85
N LEU B 212 -3.63 36.39 21.16
CA LEU B 212 -4.00 37.49 22.04
C LEU B 212 -2.98 38.60 21.91
N GLN B 213 -3.46 39.81 21.62
CA GLN B 213 -2.60 40.98 21.39
C GLN B 213 -2.60 41.85 22.66
N ALA B 214 -1.78 42.90 22.65
CA ALA B 214 -1.62 43.78 23.82
C ALA B 214 -2.95 44.43 24.28
N ASP B 215 -3.86 44.72 23.36
CA ASP B 215 -5.19 45.25 23.72
C ASP B 215 -6.05 44.29 24.58
N LYS B 216 -5.71 43.00 24.59
CA LYS B 216 -6.33 41.99 25.46
C LYS B 216 -7.80 41.65 25.15
N GLU B 217 -8.34 42.15 24.04
CA GLU B 217 -9.68 41.80 23.58
C GLU B 217 -9.68 40.39 23.01
N ASP B 218 -10.84 39.73 23.05
CA ASP B 218 -10.95 38.33 22.70
C ASP B 218 -10.58 38.14 21.22
N PRO B 219 -9.61 37.23 20.93
CA PRO B 219 -9.18 37.03 19.53
C PRO B 219 -10.23 36.54 18.55
N ILE B 220 -11.32 35.91 19.02
CA ILE B 220 -12.38 35.44 18.11
C ILE B 220 -13.02 36.61 17.38
N SER B 221 -13.11 37.79 18.02
CA SER B 221 -13.62 38.97 17.34
C SER B 221 -12.71 39.48 16.23
N LYS B 222 -11.44 39.05 16.20
CA LYS B 222 -10.52 39.30 15.08
C LYS B 222 -10.33 38.10 14.14
N SER B 223 -11.28 37.17 14.13
CA SER B 223 -11.27 36.05 13.18
C SER B 223 -11.44 36.55 11.76
N GLU B 224 -10.97 35.76 10.81
CA GLU B 224 -11.12 36.08 9.39
C GLU B 224 -10.92 34.85 8.51
N ILE B 225 -11.53 34.88 7.33
CA ILE B 225 -11.30 33.86 6.32
C ILE B 225 -10.07 34.28 5.52
N VAL B 226 -9.03 33.46 5.57
CA VAL B 226 -7.78 33.74 4.84
C VAL B 226 -7.69 33.11 3.45
N VAL B 227 -8.20 31.90 3.30
CA VAL B 227 -8.16 31.22 1.99
C VAL B 227 -9.34 30.27 1.83
N GLN B 228 -9.67 30.01 0.57
CA GLN B 228 -10.84 29.26 0.15
C GLN B 228 -10.42 28.10 -0.76
N PHE B 229 -10.94 26.92 -0.47
CA PHE B 229 -10.77 25.76 -1.33
C PHE B 229 -12.09 25.55 -2.08
N PRO B 230 -12.03 25.16 -3.36
CA PRO B 230 -13.27 24.93 -4.12
C PRO B 230 -13.89 23.58 -3.82
N CYS B 231 -15.14 23.41 -4.21
CA CYS B 231 -15.85 22.13 -4.03
C CYS B 231 -15.92 21.37 -5.34
N SER B 232 -15.91 20.05 -5.23
CA SER B 232 -15.97 19.16 -6.40
C SER B 232 -17.37 19.09 -7.01
N ASP B 233 -18.40 19.37 -6.19
CA ASP B 233 -19.81 19.33 -6.57
C ASP B 233 -20.44 20.59 -6.01
N ARG B 234 -21.26 21.29 -6.80
CA ARG B 234 -21.92 22.52 -6.31
C ARG B 234 -22.89 22.26 -5.15
N PHE B 235 -23.65 21.17 -5.24
CA PHE B 235 -24.71 20.87 -4.29
C PHE B 235 -24.33 19.87 -3.20
N LYS B 236 -23.13 19.29 -3.26
CA LYS B 236 -22.71 18.27 -2.29
C LYS B 236 -21.27 18.48 -1.82
N PRO B 237 -21.07 19.21 -0.70
CA PRO B 237 -19.72 19.34 -0.12
C PRO B 237 -19.31 18.09 0.65
N SER B 238 -18.00 17.91 0.77
CA SER B 238 -17.46 16.74 1.43
C SER B 238 -17.42 17.00 2.92
N TYR B 239 -17.66 15.93 3.68
CA TYR B 239 -17.41 15.94 5.11
C TYR B 239 -15.93 16.15 5.32
N VAL B 240 -15.59 17.06 6.21
CA VAL B 240 -14.20 17.35 6.49
C VAL B 240 -13.98 17.39 7.99
N HIS B 241 -13.03 16.59 8.44
CA HIS B 241 -12.78 16.32 9.84
C HIS B 241 -11.48 16.90 10.37
N SER B 242 -10.49 17.10 9.52
CA SER B 242 -9.20 17.66 9.90
C SER B 242 -8.49 18.12 8.63
N PHE B 243 -7.32 18.73 8.80
CA PHE B 243 -6.55 19.22 7.67
C PHE B 243 -5.07 19.36 8.07
N GLY B 244 -4.24 19.68 7.07
CA GLY B 244 -2.79 19.72 7.26
C GLY B 244 -2.21 21.12 7.18
N LEU B 245 -1.17 21.37 7.97
CA LEU B 245 -0.54 22.67 8.01
C LEU B 245 0.98 22.56 8.12
N THR B 246 1.69 23.31 7.28
CA THR B 246 3.15 23.42 7.34
C THR B 246 3.46 24.90 7.48
N PRO B 247 4.75 25.26 7.66
CA PRO B 247 5.04 26.69 7.71
C PRO B 247 4.50 27.45 6.52
N ASN B 248 4.57 26.87 5.31
CA ASN B 248 4.18 27.54 4.06
C ASN B 248 2.92 27.07 3.40
N TYR B 249 2.34 25.95 3.83
CA TYR B 249 1.22 25.35 3.09
C TYR B 249 0.10 24.81 3.95
N ILE B 250 -1.09 24.81 3.33
CA ILE B 250 -2.30 24.25 3.89
C ILE B 250 -2.71 23.13 2.96
N VAL B 251 -2.95 21.94 3.52
CA VAL B 251 -3.36 20.79 2.75
C VAL B 251 -4.74 20.37 3.17
N PHE B 252 -5.58 20.13 2.17
CA PHE B 252 -6.97 19.75 2.38
C PHE B 252 -7.36 18.58 1.50
N VAL B 253 -7.84 17.50 2.13
CA VAL B 253 -8.25 16.27 1.45
C VAL B 253 -9.77 16.20 1.33
N GLU B 254 -10.26 16.27 0.08
CA GLU B 254 -11.69 16.23 -0.24
C GLU B 254 -12.08 14.78 -0.54
N THR B 255 -12.80 14.16 0.37
CA THR B 255 -13.12 12.73 0.31
C THR B 255 -14.44 12.50 -0.40
N PRO B 256 -14.72 11.25 -0.84
CA PRO B 256 -15.99 11.00 -1.48
C PRO B 256 -17.23 10.91 -0.54
N VAL B 257 -17.04 11.06 0.77
CA VAL B 257 -18.15 11.17 1.71
C VAL B 257 -18.74 12.58 1.61
N LYS B 258 -19.98 12.66 1.10
CA LYS B 258 -20.62 13.94 0.79
C LYS B 258 -21.81 14.23 1.70
N ILE B 259 -22.05 15.51 1.92
CA ILE B 259 -23.23 15.97 2.65
C ILE B 259 -24.25 16.38 1.62
N ASN B 260 -25.42 15.75 1.67
CA ASN B 260 -26.51 16.01 0.73
C ASN B 260 -27.35 17.18 1.21
N LEU B 261 -27.13 18.34 0.59
CA LEU B 261 -27.75 19.59 1.01
C LEU B 261 -29.24 19.69 0.69
N PHE B 262 -29.75 18.87 -0.24
CA PHE B 262 -31.20 18.81 -0.48
C PHE B 262 -31.89 18.20 0.74
N LYS B 263 -31.38 17.07 1.23
CA LYS B 263 -31.88 16.49 2.49
C LYS B 263 -31.55 17.37 3.71
N PHE B 264 -30.35 17.97 3.72
CA PHE B 264 -29.81 18.72 4.89
C PHE B 264 -30.65 19.95 5.28
N LEU B 265 -30.98 20.77 4.27
CA LEU B 265 -31.68 22.05 4.47
C LEU B 265 -33.22 21.97 4.39
N SER B 266 -33.79 20.79 4.12
CA SER B 266 -35.24 20.59 4.17
C SER B 266 -35.76 20.63 5.63
N SER B 267 -37.09 20.56 5.81
CA SER B 267 -37.68 20.51 7.16
C SER B 267 -37.41 19.15 7.86
N TRP B 268 -36.58 19.21 8.89
CA TRP B 268 -36.07 18.01 9.58
C TRP B 268 -37.08 17.35 10.52
N SER B 269 -37.95 18.14 11.15
CA SER B 269 -39.07 17.59 11.92
C SER B 269 -40.22 17.07 11.03
N LEU B 270 -40.26 17.47 9.74
CA LEU B 270 -41.24 16.95 8.78
C LEU B 270 -41.05 15.46 8.52
N TRP B 271 -39.92 15.10 7.92
CA TRP B 271 -39.63 13.70 7.60
C TRP B 271 -38.68 13.01 8.61
N GLY B 272 -38.46 13.67 9.76
CA GLY B 272 -37.83 13.07 10.95
C GLY B 272 -36.33 12.83 10.86
N ALA B 273 -35.60 13.82 10.34
CA ALA B 273 -34.19 13.63 9.97
C ALA B 273 -33.19 14.01 11.08
N ASN B 274 -32.02 13.39 11.00
CA ASN B 274 -30.82 13.78 11.76
C ASN B 274 -29.64 14.03 10.78
N TYR B 275 -28.45 14.30 11.32
CA TYR B 275 -27.28 14.68 10.48
C TYR B 275 -26.83 13.46 9.66
N MET B 276 -26.71 12.35 10.35
CA MET B 276 -26.37 11.05 9.78
C MET B 276 -27.19 10.67 8.54
N ASP B 277 -28.48 11.05 8.51
CA ASP B 277 -29.34 10.81 7.34
C ASP B 277 -29.00 11.66 6.11
N CYS B 278 -28.07 12.60 6.21
CA CYS B 278 -27.78 13.47 5.10
C CYS B 278 -26.50 13.10 4.37
N PHE B 279 -25.79 12.07 4.82
CA PHE B 279 -24.52 11.70 4.20
C PHE B 279 -24.74 10.70 3.08
N GLU B 280 -24.04 10.90 1.97
CA GLU B 280 -23.96 9.90 0.91
C GLU B 280 -22.54 9.83 0.36
N SER B 281 -22.31 8.81 -0.45
CA SER B 281 -20.99 8.55 -1.01
C SER B 281 -21.02 8.74 -2.49
N ASN B 282 -20.11 9.58 -2.99
CA ASN B 282 -19.84 9.65 -4.42
C ASN B 282 -18.96 8.46 -4.78
N GLU B 283 -19.44 7.61 -5.66
CA GLU B 283 -18.72 6.42 -6.08
C GLU B 283 -17.59 6.68 -7.07
N THR B 284 -17.72 7.72 -7.89
CA THR B 284 -16.84 7.92 -9.04
C THR B 284 -15.68 8.89 -8.83
N MET B 285 -15.77 9.82 -7.88
CA MET B 285 -14.75 10.90 -7.76
C MET B 285 -13.40 10.49 -7.16
N GLY B 286 -13.39 9.46 -6.31
CA GLY B 286 -12.21 9.07 -5.55
C GLY B 286 -11.89 10.14 -4.53
N VAL B 287 -10.61 10.49 -4.40
CA VAL B 287 -10.17 11.54 -3.49
C VAL B 287 -9.41 12.62 -4.26
N TRP B 288 -9.72 13.87 -3.92
CA TRP B 288 -9.12 15.06 -4.51
C TRP B 288 -8.34 15.75 -3.39
N LEU B 289 -7.04 15.97 -3.60
CA LEU B 289 -6.22 16.65 -2.61
C LEU B 289 -5.91 18.05 -3.09
N HIS B 290 -5.95 18.99 -2.14
CA HIS B 290 -5.86 20.44 -2.43
C HIS B 290 -4.77 21.06 -1.57
N ILE B 291 -4.00 21.95 -2.15
CA ILE B 291 -3.02 22.77 -1.44
C ILE B 291 -3.32 24.25 -1.61
N ALA B 292 -3.00 25.03 -0.57
CA ALA B 292 -2.98 26.49 -0.65
C ALA B 292 -1.68 27.03 -0.09
N ASP B 293 -1.27 28.18 -0.61
CA ASP B 293 -0.11 28.91 -0.10
C ASP B 293 -0.56 29.70 1.12
N LYS B 294 0.06 29.41 2.26
CA LYS B 294 -0.39 29.94 3.54
C LYS B 294 -0.05 31.43 3.70
N LYS B 295 1.19 31.78 3.37
CA LYS B 295 1.67 33.13 3.58
C LYS B 295 1.12 34.10 2.53
N ARG B 296 0.96 33.64 1.31
CA ARG B 296 0.34 34.42 0.25
C ARG B 296 -1.15 34.27 0.19
N LYS B 297 -1.71 33.39 1.05
CA LYS B 297 -3.17 33.21 1.22
C LYS B 297 -3.87 32.92 -0.10
N LYS B 298 -3.41 31.88 -0.78
CA LYS B 298 -3.78 31.63 -2.16
C LYS B 298 -3.93 30.15 -2.50
N TYR B 299 -5.06 29.80 -3.11
CA TYR B 299 -5.31 28.44 -3.61
C TYR B 299 -4.46 28.12 -4.83
N ILE B 300 -3.68 27.06 -4.73
CA ILE B 300 -2.80 26.60 -5.80
C ILE B 300 -3.58 25.56 -6.61
N ASN B 301 -3.53 25.68 -7.93
CA ASN B 301 -4.44 24.91 -8.79
C ASN B 301 -3.79 23.64 -9.33
N ASN B 302 -3.47 22.74 -8.42
CA ASN B 302 -2.88 21.46 -8.77
C ASN B 302 -3.97 20.41 -8.54
N LYS B 303 -4.31 19.66 -9.59
CA LYS B 303 -5.39 18.69 -9.54
C LYS B 303 -4.91 17.31 -9.07
N TYR B 304 -4.57 17.21 -7.79
CA TYR B 304 -4.10 15.95 -7.20
C TYR B 304 -5.30 15.02 -7.02
N ARG B 305 -5.11 13.75 -7.40
CA ARG B 305 -6.19 12.77 -7.41
C ARG B 305 -5.69 11.42 -6.96
N THR B 306 -6.53 10.66 -6.25
CA THR B 306 -6.20 9.25 -5.96
C THR B 306 -7.46 8.44 -5.72
N SER B 307 -7.28 7.17 -5.39
CA SER B 307 -8.40 6.26 -5.20
C SER B 307 -9.21 6.56 -3.89
N PRO B 308 -10.42 6.00 -3.76
CA PRO B 308 -11.31 6.45 -2.65
C PRO B 308 -10.90 6.03 -1.25
N PHE B 309 -11.06 6.93 -0.29
CA PHE B 309 -10.96 6.59 1.14
C PHE B 309 -11.69 7.58 2.01
N ASN B 310 -12.10 7.13 3.19
CA ASN B 310 -12.52 8.02 4.28
C ASN B 310 -11.25 8.54 4.95
N LEU B 311 -11.28 9.78 5.40
CA LEU B 311 -10.20 10.35 6.17
C LEU B 311 -10.80 11.11 7.34
N PHE B 312 -10.29 10.84 8.53
CA PHE B 312 -10.61 11.64 9.69
C PHE B 312 -9.39 12.41 10.14
N HIS B 313 -8.32 11.72 10.43
CA HIS B 313 -7.16 12.37 11.00
C HIS B 313 -5.91 12.39 10.13
N HIS B 314 -5.43 13.60 9.86
CA HIS B 314 -4.06 13.79 9.43
C HIS B 314 -3.16 13.51 10.62
N ILE B 315 -2.03 12.87 10.37
CA ILE B 315 -1.02 12.61 11.40
C ILE B 315 -0.11 13.85 11.47
N ASN B 316 0.54 14.11 10.34
CA ASN B 316 1.42 15.27 10.20
C ASN B 316 1.69 15.54 8.73
N THR B 317 2.00 16.78 8.44
CA THR B 317 2.34 17.21 7.11
C THR B 317 3.67 17.93 7.22
N TYR B 318 4.54 17.82 6.21
CA TYR B 318 5.75 18.65 6.16
C TYR B 318 6.32 18.81 4.74
N GLU B 319 7.25 19.75 4.62
CA GLU B 319 7.85 20.12 3.34
C GLU B 319 9.22 19.48 3.27
N ASP B 320 9.53 18.86 2.14
CA ASP B 320 10.86 18.24 1.92
C ASP B 320 11.28 18.51 0.48
N HIS B 321 12.27 19.40 0.32
CA HIS B 321 12.63 19.96 -0.98
C HIS B 321 11.36 20.48 -1.64
N GLU B 322 11.06 20.17 -2.90
CA GLU B 322 9.86 20.76 -3.50
C GLU B 322 8.67 19.79 -3.44
N PHE B 323 8.45 19.19 -2.26
CA PHE B 323 7.44 18.15 -2.07
C PHE B 323 6.79 18.28 -0.70
N LEU B 324 5.48 18.08 -0.66
CA LEU B 324 4.75 17.98 0.60
C LEU B 324 4.48 16.52 0.95
N ILE B 325 4.93 16.13 2.15
CA ILE B 325 4.74 14.80 2.70
C ILE B 325 3.46 14.88 3.51
N VAL B 326 2.49 14.01 3.23
CA VAL B 326 1.15 14.08 3.81
C VAL B 326 0.84 12.72 4.43
N ASP B 327 1.03 12.61 5.74
CA ASP B 327 0.80 11.35 6.47
C ASP B 327 -0.64 11.31 7.03
N LEU B 328 -1.38 10.24 6.70
CA LEU B 328 -2.85 10.14 6.91
C LEU B 328 -3.23 8.80 7.52
N CYS B 329 -4.24 8.81 8.39
CA CYS B 329 -4.95 7.60 8.77
C CYS B 329 -6.15 7.41 7.84
N CYS B 330 -6.06 6.45 6.94
CA CYS B 330 -7.10 6.23 5.92
C CYS B 330 -8.00 5.05 6.25
N TRP B 331 -9.17 5.06 5.61
CA TRP B 331 -10.09 3.94 5.62
C TRP B 331 -10.44 3.64 4.16
N LYS B 332 -10.02 2.48 3.68
CA LYS B 332 -10.10 2.10 2.25
C LYS B 332 -11.52 1.78 1.79
N GLY B 333 -12.09 2.69 1.02
CA GLY B 333 -13.44 2.57 0.52
C GLY B 333 -14.17 3.89 0.55
N PHE B 334 -15.37 3.92 -0.02
CA PHE B 334 -16.14 5.18 -0.02
C PHE B 334 -17.36 5.19 0.94
N GLU B 335 -17.72 4.04 1.51
CA GLU B 335 -18.76 4.00 2.55
C GLU B 335 -18.33 4.78 3.78
N PHE B 336 -19.26 5.48 4.39
CA PHE B 336 -18.98 6.29 5.55
C PHE B 336 -18.74 5.38 6.77
N VAL B 337 -17.53 5.46 7.34
CA VAL B 337 -17.18 4.64 8.51
C VAL B 337 -18.12 4.91 9.71
N TYR B 338 -18.61 6.14 9.83
CA TYR B 338 -19.57 6.51 10.87
C TYR B 338 -20.82 5.60 10.90
N ASN B 339 -21.23 5.06 9.77
CA ASN B 339 -22.29 4.03 9.71
C ASN B 339 -22.07 2.81 10.64
N TYR B 340 -20.83 2.52 11.03
CA TYR B 340 -20.51 1.37 11.88
C TYR B 340 -20.41 1.76 13.36
N LEU B 341 -20.73 3.01 13.70
CA LEU B 341 -20.60 3.53 15.07
C LEU B 341 -21.94 3.91 15.78
N TYR B 342 -23.02 3.20 15.45
CA TYR B 342 -24.24 3.27 16.24
C TYR B 342 -24.01 2.48 17.51
N LEU B 343 -24.52 3.00 18.64
CA LEU B 343 -24.27 2.40 19.95
C LEU B 343 -24.76 0.95 20.06
N ALA B 344 -25.90 0.65 19.43
CA ALA B 344 -26.41 -0.72 19.38
C ALA B 344 -25.36 -1.69 18.83
N ASN B 345 -24.66 -1.32 17.76
CA ASN B 345 -23.61 -2.15 17.18
C ASN B 345 -22.39 -2.28 18.09
N LEU B 346 -21.87 -1.16 18.58
CA LEU B 346 -20.72 -1.15 19.48
C LEU B 346 -21.01 -1.88 20.82
N ARG B 347 -22.28 -1.98 21.20
CA ARG B 347 -22.71 -2.71 22.42
C ARG B 347 -22.95 -4.20 22.22
N GLU B 348 -22.88 -4.69 20.98
CA GLU B 348 -23.00 -6.13 20.68
C GLU B 348 -21.91 -6.95 21.37
N ASN B 349 -22.13 -8.25 21.41
CA ASN B 349 -21.10 -9.18 21.85
C ASN B 349 -20.01 -9.34 20.79
N TRP B 350 -18.85 -9.76 21.24
CA TRP B 350 -17.61 -9.70 20.46
C TRP B 350 -17.64 -10.37 19.07
N GLU B 351 -18.18 -11.59 19.01
CA GLU B 351 -18.34 -12.30 17.73
C GLU B 351 -19.19 -11.53 16.73
N GLU B 352 -20.21 -10.85 17.24
CA GLU B 352 -21.12 -10.06 16.42
C GLU B 352 -20.51 -8.70 16.02
N VAL B 353 -19.68 -8.12 16.90
CA VAL B 353 -18.87 -6.94 16.58
C VAL B 353 -17.93 -7.24 15.41
N LYS B 354 -17.16 -8.32 15.55
CA LYS B 354 -16.25 -8.72 14.47
C LYS B 354 -16.99 -8.93 13.15
N LYS B 355 -18.13 -9.63 13.19
CA LYS B 355 -18.93 -9.90 11.98
C LYS B 355 -19.41 -8.61 11.31
N ASN B 356 -19.89 -7.66 12.11
CA ASN B 356 -20.38 -6.36 11.60
C ASN B 356 -19.32 -5.51 10.92
N ALA B 357 -18.07 -5.63 11.37
CA ALA B 357 -16.96 -4.88 10.79
C ALA B 357 -16.33 -5.49 9.53
N ARG B 358 -16.69 -6.73 9.18
N ARG B 358 -16.70 -6.70 9.16
CA ARG B 358 -16.14 -7.47 8.03
CA ARG B 358 -16.01 -7.39 8.07
C ARG B 358 -16.22 -6.69 6.72
C ARG B 358 -16.27 -6.82 6.66
N LYS B 359 -17.38 -6.10 6.47
CA LYS B 359 -17.64 -5.37 5.21
C LYS B 359 -17.35 -3.88 5.28
N ALA B 360 -16.81 -3.42 6.42
CA ALA B 360 -16.44 -2.01 6.61
C ALA B 360 -15.14 -1.70 5.88
N PRO B 361 -14.90 -0.42 5.56
CA PRO B 361 -13.61 -0.02 5.01
C PRO B 361 -12.45 -0.44 5.91
N GLN B 362 -11.30 -0.75 5.30
CA GLN B 362 -10.11 -1.24 6.01
C GLN B 362 -9.18 -0.08 6.37
N PRO B 363 -8.78 0.03 7.66
CA PRO B 363 -7.91 1.13 8.02
C PRO B 363 -6.51 0.91 7.49
N GLU B 364 -5.82 2.01 7.18
CA GLU B 364 -4.45 1.93 6.66
C GLU B 364 -3.76 3.27 6.84
N VAL B 365 -2.54 3.27 7.40
CA VAL B 365 -1.73 4.49 7.46
C VAL B 365 -0.95 4.64 6.15
N ARG B 366 -1.07 5.81 5.56
CA ARG B 366 -0.52 6.09 4.24
C ARG B 366 0.22 7.44 4.19
N ARG B 367 1.34 7.44 3.48
CA ARG B 367 2.10 8.65 3.18
C ARG B 367 1.82 8.97 1.72
N TYR B 368 1.30 10.16 1.47
CA TYR B 368 1.20 10.69 0.11
C TYR B 368 2.24 11.77 -0.03
N VAL B 369 2.71 11.97 -1.26
CA VAL B 369 3.75 12.95 -1.53
C VAL B 369 3.29 13.78 -2.72
N LEU B 370 3.11 15.08 -2.47
CA LEU B 370 2.51 16.01 -3.44
C LEU B 370 3.60 16.87 -4.05
N PRO B 371 3.93 16.66 -5.34
CA PRO B 371 4.95 17.55 -5.97
C PRO B 371 4.46 19.00 -6.13
N LEU B 372 5.33 19.95 -5.79
CA LEU B 372 5.03 21.37 -5.99
C LEU B 372 5.61 21.96 -7.29
N ASN B 373 6.59 21.28 -7.91
CA ASN B 373 7.11 21.65 -9.24
C ASN B 373 6.58 20.71 -10.29
N ILE B 374 5.55 21.12 -11.01
CA ILE B 374 4.98 20.33 -12.09
C ILE B 374 5.52 20.86 -13.42
N ASP B 375 6.42 20.10 -14.04
CA ASP B 375 6.92 20.38 -15.39
C ASP B 375 6.04 19.60 -16.40
N LYS B 376 5.40 20.33 -17.32
CA LYS B 376 4.70 19.72 -18.47
C LYS B 376 5.56 18.70 -19.25
N ALA B 377 6.85 18.98 -19.39
CA ALA B 377 7.79 18.07 -20.04
C ALA B 377 7.84 16.67 -19.41
N ASP B 378 7.50 16.54 -18.12
CA ASP B 378 7.39 15.23 -17.45
C ASP B 378 6.04 14.53 -17.54
N THR B 379 5.14 15.00 -18.40
CA THR B 379 3.86 14.31 -18.59
C THR B 379 4.07 12.82 -18.79
N GLY B 380 3.25 12.03 -18.11
CA GLY B 380 3.30 10.58 -18.16
C GLY B 380 4.27 9.93 -17.18
N LYS B 381 5.09 10.73 -16.49
CA LYS B 381 6.10 10.17 -15.62
C LYS B 381 5.77 10.42 -14.14
N ASN B 382 6.57 9.76 -13.28
CA ASN B 382 6.53 9.90 -11.84
C ASN B 382 7.34 11.14 -11.46
N LEU B 383 6.68 12.11 -10.80
CA LEU B 383 7.36 13.35 -10.41
C LEU B 383 8.07 13.26 -9.06
N VAL B 384 7.81 12.20 -8.29
CA VAL B 384 8.31 12.09 -6.92
C VAL B 384 9.72 11.55 -6.99
N THR B 385 10.65 12.48 -7.13
CA THR B 385 12.06 12.17 -7.27
C THR B 385 12.80 12.03 -5.95
N LEU B 386 12.13 12.16 -4.81
CA LEU B 386 12.80 12.00 -3.49
C LEU B 386 13.37 10.60 -3.32
N PRO B 387 14.47 10.49 -2.57
CA PRO B 387 15.18 9.21 -2.55
C PRO B 387 14.69 8.15 -1.54
N ASN B 388 13.86 8.53 -0.57
CA ASN B 388 13.50 7.60 0.53
C ASN B 388 11.99 7.34 0.68
N THR B 389 11.26 7.40 -0.43
CA THR B 389 9.84 7.07 -0.46
C THR B 389 9.52 6.22 -1.69
N THR B 390 8.49 5.39 -1.55
CA THR B 390 7.90 4.65 -2.66
C THR B 390 6.63 5.31 -3.17
N ALA B 391 6.23 6.41 -2.57
CA ALA B 391 5.07 7.16 -3.06
C ALA B 391 5.35 7.71 -4.44
N THR B 392 4.31 7.77 -5.27
CA THR B 392 4.41 8.26 -6.63
C THR B 392 3.34 9.30 -6.91
N ALA B 393 3.60 10.11 -7.94
CA ALA B 393 2.66 11.11 -8.41
C ALA B 393 2.88 11.25 -9.91
N ILE B 394 1.84 10.96 -10.69
CA ILE B 394 1.96 10.86 -12.12
C ILE B 394 1.18 11.96 -12.77
N LEU B 395 1.89 12.76 -13.58
CA LEU B 395 1.30 13.84 -14.35
C LEU B 395 0.64 13.28 -15.58
N CYS B 396 -0.67 13.44 -15.68
CA CYS B 396 -1.43 13.00 -16.85
C CYS B 396 -1.55 14.16 -17.84
N SER B 397 -2.07 13.88 -19.03
CA SER B 397 -2.19 14.86 -20.12
C SER B 397 -3.26 15.89 -19.86
N ASP B 398 -4.35 15.47 -19.21
CA ASP B 398 -5.35 16.41 -18.68
C ASP B 398 -4.90 17.21 -17.45
N GLU B 399 -3.61 17.11 -17.09
CA GLU B 399 -3.02 17.85 -15.98
C GLU B 399 -3.49 17.42 -14.57
N THR B 400 -4.22 16.31 -14.46
CA THR B 400 -4.45 15.72 -13.16
C THR B 400 -3.17 15.00 -12.77
N ILE B 401 -2.91 14.97 -11.47
CA ILE B 401 -1.71 14.34 -10.93
C ILE B 401 -2.21 13.18 -10.09
N TRP B 402 -2.05 11.97 -10.60
CA TRP B 402 -2.53 10.75 -9.93
C TRP B 402 -1.51 10.29 -8.89
N LEU B 403 -1.96 10.08 -7.65
CA LEU B 403 -1.06 9.72 -6.54
C LEU B 403 -1.21 8.27 -6.10
N GLU B 404 -0.09 7.63 -5.77
CA GLU B 404 -0.12 6.33 -5.06
C GLU B 404 0.63 6.53 -3.78
N PRO B 405 0.12 5.99 -2.68
CA PRO B 405 0.78 6.17 -1.39
C PRO B 405 1.88 5.17 -1.12
N GLU B 406 2.71 5.51 -0.15
CA GLU B 406 3.55 4.55 0.56
C GLU B 406 2.75 4.16 1.81
N VAL B 407 2.60 2.86 2.04
CA VAL B 407 1.84 2.34 3.19
C VAL B 407 2.77 2.20 4.39
N LEU B 408 2.50 2.96 5.43
CA LEU B 408 3.35 2.95 6.61
C LEU B 408 2.92 1.86 7.63
N PHE B 409 1.62 1.59 7.68
CA PHE B 409 1.10 0.54 8.56
C PHE B 409 -0.24 -0.01 8.05
N SER B 410 -0.38 -1.33 8.07
CA SER B 410 -1.60 -1.99 7.67
C SER B 410 -1.78 -3.25 8.51
N GLY B 411 -2.99 -3.44 9.06
CA GLY B 411 -3.37 -4.67 9.79
C GLY B 411 -4.87 -4.92 9.66
N PRO B 412 -5.29 -6.20 9.56
CA PRO B 412 -6.70 -6.53 9.23
C PRO B 412 -7.72 -6.08 10.29
N ARG B 413 -8.46 -5.03 9.97
CA ARG B 413 -9.36 -4.36 10.89
C ARG B 413 -8.65 -3.91 12.17
N GLN B 414 -7.39 -3.55 12.02
CA GLN B 414 -6.53 -3.08 13.11
C GLN B 414 -6.13 -1.67 12.76
N ALA B 415 -6.93 -0.69 13.17
CA ALA B 415 -6.66 0.70 12.85
C ALA B 415 -5.61 1.28 13.77
N PHE B 416 -4.64 1.97 13.21
CA PHE B 416 -3.81 2.90 13.96
C PHE B 416 -4.57 4.22 13.85
N GLU B 417 -5.30 4.59 14.90
CA GLU B 417 -6.15 5.78 14.87
C GLU B 417 -5.86 6.73 16.01
N PHE B 418 -6.55 7.87 16.01
CA PHE B 418 -6.35 8.98 16.96
C PHE B 418 -4.87 9.36 17.09
N PRO B 419 -4.21 9.68 15.95
CA PRO B 419 -2.76 9.85 15.99
C PRO B 419 -2.33 11.10 16.72
N GLN B 420 -1.18 11.02 17.36
CA GLN B 420 -0.54 12.17 18.00
C GLN B 420 0.95 12.15 17.71
N ILE B 421 1.55 13.33 17.71
CA ILE B 421 2.99 13.46 17.57
C ILE B 421 3.50 14.36 18.71
N ASN B 422 4.81 14.58 18.78
CA ASN B 422 5.38 15.69 19.57
C ASN B 422 5.07 16.97 18.80
N TYR B 423 3.87 17.49 19.01
CA TYR B 423 3.30 18.53 18.14
C TYR B 423 3.96 19.90 18.24
N GLN B 424 4.39 20.27 19.45
CA GLN B 424 4.93 21.61 19.66
C GLN B 424 6.25 21.86 18.92
N LYS B 425 7.09 20.84 18.84
CA LYS B 425 8.38 20.95 18.15
C LYS B 425 8.39 20.34 16.75
N TYR B 426 7.55 19.34 16.49
CA TYR B 426 7.58 18.64 15.19
C TYR B 426 6.36 18.79 14.29
N GLY B 427 5.30 19.43 14.79
CA GLY B 427 4.11 19.70 13.99
C GLY B 427 4.42 20.60 12.82
N GLY B 428 4.01 20.18 11.62
CA GLY B 428 4.34 20.87 10.38
C GLY B 428 5.77 20.72 9.90
N LYS B 429 6.56 19.86 10.56
CA LYS B 429 7.99 19.73 10.28
C LYS B 429 8.43 18.28 10.12
N PRO B 430 9.57 18.05 9.45
CA PRO B 430 10.11 16.70 9.37
C PRO B 430 10.07 15.95 10.72
N TYR B 431 9.58 14.73 10.70
CA TYR B 431 9.41 14.02 11.94
C TYR B 431 9.63 12.53 11.70
N THR B 432 9.59 11.76 12.78
CA THR B 432 9.90 10.32 12.76
C THR B 432 8.87 9.45 13.50
N TYR B 433 8.23 9.97 14.55
CA TYR B 433 7.39 9.15 15.43
C TYR B 433 5.94 9.64 15.51
N ALA B 434 5.02 8.69 15.47
CA ALA B 434 3.62 8.94 15.74
C ALA B 434 3.11 7.95 16.78
N TYR B 435 2.15 8.40 17.59
CA TYR B 435 1.51 7.58 18.61
C TYR B 435 0.06 7.47 18.20
N GLY B 436 -0.57 6.36 18.56
CA GLY B 436 -1.97 6.20 18.22
C GLY B 436 -2.71 5.24 19.10
N LEU B 437 -4.02 5.29 19.00
CA LEU B 437 -4.91 4.32 19.62
C LEU B 437 -5.22 3.23 18.62
N GLY B 438 -5.03 1.98 19.03
CA GLY B 438 -5.23 0.84 18.15
C GLY B 438 -6.66 0.34 18.30
N LEU B 439 -7.41 0.30 17.19
CA LEU B 439 -8.76 -0.24 17.18
C LEU B 439 -8.74 -1.66 16.63
N ASN B 440 -9.56 -2.52 17.23
CA ASN B 440 -9.69 -3.90 16.86
C ASN B 440 -11.17 -4.06 16.53
N HIS B 441 -11.51 -4.12 15.23
CA HIS B 441 -12.91 -4.09 14.77
C HIS B 441 -13.68 -2.95 15.45
N PHE B 442 -13.07 -1.77 15.45
CA PHE B 442 -13.58 -0.51 16.08
C PHE B 442 -13.43 -0.40 17.61
N VAL B 443 -13.16 -1.51 18.28
CA VAL B 443 -12.97 -1.52 19.73
C VAL B 443 -11.54 -1.12 20.07
N PRO B 444 -11.37 -0.02 20.82
CA PRO B 444 -10.02 0.40 21.21
C PRO B 444 -9.39 -0.48 22.28
N ASP B 445 -8.36 -1.26 21.93
CA ASP B 445 -7.77 -2.22 22.85
C ASP B 445 -6.25 -2.18 23.03
N ARG B 446 -5.59 -1.14 22.55
CA ARG B 446 -4.11 -1.03 22.70
C ARG B 446 -3.59 0.34 22.33
N LEU B 447 -2.33 0.58 22.68
CA LEU B 447 -1.64 1.80 22.30
C LEU B 447 -0.42 1.48 21.42
N CYS B 448 -0.21 2.29 20.38
CA CYS B 448 0.77 2.02 19.36
C CYS B 448 1.71 3.20 19.13
N LYS B 449 2.93 2.88 18.75
CA LYS B 449 3.91 3.84 18.30
C LYS B 449 4.39 3.36 16.94
N LEU B 450 4.56 4.30 16.01
CA LEU B 450 4.98 4.01 14.65
C LEU B 450 6.20 4.88 14.32
N ASN B 451 7.28 4.25 13.88
CA ASN B 451 8.39 4.96 13.27
C ASN B 451 8.06 5.11 11.79
N VAL B 452 7.79 6.33 11.34
CA VAL B 452 7.33 6.56 9.95
C VAL B 452 8.41 6.46 8.87
N LYS B 453 9.69 6.50 9.27
CA LYS B 453 10.82 6.25 8.34
C LYS B 453 11.13 4.74 8.19
N THR B 454 11.17 4.02 9.30
CA THR B 454 11.52 2.60 9.26
C THR B 454 10.34 1.66 9.23
N LYS B 455 9.15 2.15 9.59
CA LYS B 455 7.92 1.34 9.73
C LYS B 455 7.93 0.36 10.91
N GLU B 456 8.83 0.54 11.87
CA GLU B 456 8.80 -0.24 13.09
C GLU B 456 7.62 0.25 13.95
N THR B 457 7.02 -0.69 14.69
CA THR B 457 5.96 -0.38 15.61
C THR B 457 6.23 -0.97 17.02
N TRP B 458 5.67 -0.31 18.03
CA TRP B 458 5.68 -0.79 19.41
C TRP B 458 4.24 -0.83 19.87
N VAL B 459 3.91 -1.80 20.73
CA VAL B 459 2.52 -1.96 21.21
C VAL B 459 2.51 -2.11 22.71
N TRP B 460 1.52 -1.46 23.35
CA TRP B 460 1.20 -1.69 24.74
C TRP B 460 -0.22 -2.23 24.76
N GLN B 461 -0.40 -3.36 25.40
CA GLN B 461 -1.70 -4.01 25.42
C GLN B 461 -1.83 -4.89 26.64
N GLU B 462 -2.92 -4.69 27.37
CA GLU B 462 -3.32 -5.61 28.43
C GLU B 462 -4.73 -6.19 28.19
N PRO B 463 -4.99 -7.39 28.69
CA PRO B 463 -6.32 -7.99 28.49
C PRO B 463 -7.45 -7.23 29.16
N ASP B 464 -8.59 -7.13 28.48
CA ASP B 464 -9.79 -6.46 29.00
C ASP B 464 -9.52 -5.00 29.43
N SER B 465 -8.63 -4.33 28.69
CA SER B 465 -8.25 -2.94 28.94
C SER B 465 -8.43 -2.11 27.67
N TYR B 466 -9.19 -1.02 27.78
CA TYR B 466 -9.67 -0.25 26.62
C TYR B 466 -9.18 1.18 26.73
N PRO B 467 -8.03 1.49 26.07
CA PRO B 467 -7.42 2.81 26.21
C PRO B 467 -8.03 3.90 25.37
N SER B 468 -7.61 5.13 25.63
CA SER B 468 -8.01 6.30 24.86
C SER B 468 -6.82 6.81 24.02
N GLU B 469 -7.08 7.82 23.20
CA GLU B 469 -6.04 8.52 22.45
C GLU B 469 -4.86 8.77 23.35
N PRO B 470 -3.66 8.36 22.92
CA PRO B 470 -2.46 8.69 23.69
C PRO B 470 -2.03 10.11 23.42
N ILE B 471 -1.69 10.86 24.45
CA ILE B 471 -1.23 12.25 24.26
C ILE B 471 0.21 12.36 24.71
N PHE B 472 1.06 12.91 23.84
CA PHE B 472 2.50 13.06 24.10
C PHE B 472 2.87 14.30 24.93
N VAL B 473 3.69 14.09 25.95
CA VAL B 473 4.22 15.20 26.74
C VAL B 473 5.74 15.10 26.77
N SER B 474 6.39 16.11 26.22
CA SER B 474 7.84 16.20 26.23
C SER B 474 8.43 16.44 27.63
N HIS B 475 9.58 15.80 27.86
CA HIS B 475 10.45 16.05 29.00
C HIS B 475 11.04 17.47 28.87
N PRO B 476 11.19 18.22 29.98
CA PRO B 476 11.66 19.62 29.88
C PRO B 476 13.07 19.85 29.29
N ASP B 477 13.93 18.87 29.50
CA ASP B 477 15.27 18.80 28.89
C ASP B 477 15.39 17.72 27.78
N ALA B 478 14.34 17.47 27.02
CA ALA B 478 14.41 16.50 25.93
C ALA B 478 15.45 16.92 24.88
N LEU B 479 16.28 15.99 24.45
CA LEU B 479 17.15 16.20 23.28
C LEU B 479 16.59 15.52 22.01
N GLU B 480 15.70 14.55 22.16
CA GLU B 480 15.18 13.74 21.05
C GLU B 480 13.66 13.91 20.90
N GLU B 481 13.17 13.55 19.71
CA GLU B 481 11.74 13.65 19.37
C GLU B 481 10.79 12.91 20.33
N ASP B 482 11.20 11.72 20.77
CA ASP B 482 10.39 10.87 21.66
C ASP B 482 10.93 10.82 23.11
N ASP B 483 11.55 11.91 23.58
CA ASP B 483 12.00 12.06 24.97
C ASP B 483 10.83 12.61 25.80
N GLY B 484 9.99 11.72 26.31
CA GLY B 484 8.86 12.14 27.12
C GLY B 484 7.91 10.99 27.38
N VAL B 485 6.67 11.31 27.72
CA VAL B 485 5.67 10.27 28.01
C VAL B 485 4.45 10.39 27.10
N VAL B 486 3.67 9.32 27.05
CA VAL B 486 2.29 9.42 26.59
C VAL B 486 1.34 9.09 27.75
N LEU B 487 0.23 9.80 27.78
CA LEU B 487 -0.81 9.67 28.78
C LEU B 487 -2.05 9.11 28.10
N SER B 488 -2.67 8.12 28.71
CA SER B 488 -3.90 7.55 28.15
C SER B 488 -4.85 7.22 29.27
N VAL B 489 -6.14 7.41 29.04
CA VAL B 489 -7.16 7.01 30.01
C VAL B 489 -7.64 5.63 29.62
N VAL B 490 -7.50 4.66 30.53
CA VAL B 490 -7.85 3.25 30.27
C VAL B 490 -9.02 2.79 31.14
N VAL B 491 -9.97 2.10 30.50
CA VAL B 491 -11.12 1.49 31.17
C VAL B 491 -10.84 0.00 31.34
N SER B 492 -10.94 -0.48 32.58
CA SER B 492 -10.63 -1.88 32.92
C SER B 492 -11.75 -2.52 33.73
N PRO B 493 -12.81 -2.99 33.04
CA PRO B 493 -13.96 -3.58 33.75
C PRO B 493 -13.81 -4.97 34.37
N GLY B 494 -12.65 -5.60 34.27
CA GLY B 494 -12.40 -6.84 35.00
C GLY B 494 -12.60 -6.58 36.49
N ALA B 495 -13.48 -7.37 37.10
CA ALA B 495 -13.71 -7.27 38.55
C ALA B 495 -12.49 -7.78 39.31
N GLY B 496 -12.25 -7.22 40.50
CA GLY B 496 -10.94 -7.33 41.15
C GLY B 496 -9.87 -6.38 40.61
N GLN B 497 -10.18 -5.67 39.50
CA GLN B 497 -9.44 -4.48 39.09
C GLN B 497 -10.36 -3.31 39.42
N LYS B 498 -9.77 -2.12 39.48
CA LYS B 498 -10.54 -0.89 39.64
C LYS B 498 -11.13 -0.54 38.27
N PRO B 499 -12.27 0.16 38.22
CA PRO B 499 -12.96 0.40 36.94
C PRO B 499 -12.14 1.06 35.81
N ALA B 500 -11.18 1.92 36.17
CA ALA B 500 -10.40 2.69 35.22
C ALA B 500 -9.10 3.27 35.82
N TYR B 501 -8.26 3.82 34.96
CA TYR B 501 -7.02 4.42 35.42
C TYR B 501 -6.32 5.26 34.37
N LEU B 502 -5.54 6.21 34.84
CA LEU B 502 -4.68 6.97 33.94
C LEU B 502 -3.37 6.22 33.75
N LEU B 503 -3.00 6.01 32.49
CA LEU B 503 -1.78 5.26 32.15
C LEU B 503 -0.71 6.21 31.66
N ILE B 504 0.51 6.05 32.18
CA ILE B 504 1.67 6.77 31.69
C ILE B 504 2.69 5.74 31.15
N LEU B 505 2.98 5.85 29.86
CA LEU B 505 4.00 5.04 29.17
C LEU B 505 5.17 5.91 28.76
N ASN B 506 6.37 5.35 28.86
CA ASN B 506 7.55 5.99 28.31
C ASN B 506 7.44 6.03 26.77
N ALA B 507 7.62 7.21 26.20
CA ALA B 507 7.45 7.39 24.77
C ALA B 507 8.53 6.70 23.91
N LYS B 508 9.64 6.28 24.50
CA LYS B 508 10.72 5.58 23.79
C LYS B 508 10.34 4.20 23.28
N ASP B 509 9.85 3.39 24.20
CA ASP B 509 9.52 1.99 23.94
C ASP B 509 8.10 1.59 24.31
N LEU B 510 7.27 2.54 24.78
CA LEU B 510 5.95 2.26 25.37
C LEU B 510 5.94 1.32 26.58
N SER B 511 7.03 1.29 27.35
CA SER B 511 7.05 0.53 28.59
C SER B 511 6.29 1.36 29.65
N GLU B 512 5.60 0.67 30.55
CA GLU B 512 4.78 1.35 31.56
C GLU B 512 5.63 2.06 32.59
N VAL B 513 5.26 3.30 32.91
CA VAL B 513 5.95 4.14 33.89
C VAL B 513 5.14 4.26 35.19
N ALA B 514 3.84 4.46 35.06
CA ALA B 514 2.95 4.48 36.20
C ALA B 514 1.52 4.32 35.75
N ARG B 515 0.64 4.06 36.72
CA ARG B 515 -0.78 4.24 36.52
C ARG B 515 -1.44 4.78 37.78
N ALA B 516 -2.53 5.51 37.58
CA ALA B 516 -3.27 6.19 38.63
C ALA B 516 -4.72 5.71 38.56
N GLU B 517 -5.06 4.76 39.43
CA GLU B 517 -6.41 4.15 39.45
C GLU B 517 -7.45 5.04 40.11
N VAL B 518 -8.67 5.01 39.58
CA VAL B 518 -9.83 5.66 40.22
C VAL B 518 -10.95 4.65 40.51
N GLU B 519 -11.88 5.08 41.36
CA GLU B 519 -12.90 4.22 41.97
C GLU B 519 -14.18 4.07 41.12
N ILE B 520 -14.28 4.88 40.06
CA ILE B 520 -15.51 4.99 39.25
C ILE B 520 -15.22 4.70 37.78
N ASN B 521 -16.25 4.31 37.03
CA ASN B 521 -16.11 4.11 35.59
C ASN B 521 -15.85 5.43 34.88
N ILE B 522 -15.21 5.34 33.71
CA ILE B 522 -15.00 6.46 32.80
C ILE B 522 -15.49 5.97 31.43
N PRO B 523 -16.37 6.74 30.76
CA PRO B 523 -16.79 6.34 29.41
C PRO B 523 -15.73 6.70 28.35
N VAL B 524 -16.01 6.32 27.11
CA VAL B 524 -15.17 6.65 25.97
C VAL B 524 -14.91 8.15 25.92
N THR B 525 -13.66 8.52 25.65
CA THR B 525 -13.26 9.89 25.33
C THR B 525 -12.57 9.91 23.98
N PHE B 526 -12.69 11.04 23.28
CA PHE B 526 -12.18 11.19 21.92
C PHE B 526 -10.86 11.93 21.87
N HIS B 527 -10.87 13.22 22.17
CA HIS B 527 -9.66 14.02 22.08
C HIS B 527 -9.49 14.89 23.28
N GLY B 528 -8.29 15.44 23.39
CA GLY B 528 -7.94 16.30 24.51
C GLY B 528 -6.58 16.90 24.38
N LEU B 529 -6.04 17.36 25.49
CA LEU B 529 -4.74 18.03 25.52
C LEU B 529 -4.16 17.98 26.90
N PHE B 530 -2.84 18.19 26.97
CA PHE B 530 -2.17 18.43 28.23
C PHE B 530 -1.90 19.93 28.37
N LYS B 531 -2.37 20.50 29.48
CA LYS B 531 -2.17 21.91 29.80
C LYS B 531 -1.12 22.06 30.91
N LYS B 532 0.08 22.52 30.54
CA LYS B 532 1.18 22.69 31.49
C LYS B 532 0.90 23.78 32.51
N SER B 533 1.38 23.56 33.74
CA SER B 533 1.30 24.53 34.81
C SER B 533 2.59 24.52 35.64
#